data_3ZRR
#
_entry.id   3ZRR
#
_cell.length_a   160.835
_cell.length_b   55.205
_cell.length_c   102.320
_cell.angle_alpha   90.00
_cell.angle_beta   111.95
_cell.angle_gamma   90.00
#
_symmetry.space_group_name_H-M   'C 1 2 1'
#
loop_
_entity.id
_entity.type
_entity.pdbx_description
1 polymer 'SERINE-PYRUVATE AMINOTRANSFERASE (AGXT)'
2 non-polymer '3-[O-PHOSPHONOPYRIDOXYL]--AMINO-BENZOIC ACID'
3 non-polymer 'CALCIUM ION'
4 water water
#
_entity_poly.entity_id   1
_entity_poly.type   'polypeptide(L)'
_entity_poly.pdbx_seq_one_letter_code
;MDKLLLHVGPTTIKEDVLVAGLENNVGFTSKEFVEALAYSLKGLRYVMGASKNYQPLIIPGGGTSAMESVTSLLKPNDKI
LVVSNGVFGDRWEQIFKRYPVNVKVLRPSPGDYVKPGEVEEEVRKSEYKLVALTHVETSTGVREPVKDVINKIRKYVELI
VVDGVSSVGAEEVKAEEWNVDVYLTASQKALGSAAGLGLLLLSPKALSILDSQNSIAGYYLDLRNWLPVMRGAEEGKAAY
FATPPVHVILQLAEAFRLIEKEGIENRIKRHTMVASAIRAGLEALGLEIVARRPESYSNTVTGVILKVADPQKVLAGTVN
EGVEFAPGVHPAFKYFRIGHMGWVTPNDAIIAISVIERTLRKLGEPIRFGEGVKAVEEVLFSAR
;
_entity_poly.pdbx_strand_id   A,B
#
loop_
_chem_comp.id
_chem_comp.type
_chem_comp.name
_chem_comp.formula
CA non-polymer 'CALCIUM ION' 'Ca 2'
PXG non-polymer '3-[O-PHOSPHONOPYRIDOXYL]--AMINO-BENZOIC ACID' 'C15 H17 N2 O7 P'
#
# COMPACT_ATOMS: atom_id res chain seq x y z
N LEU A 5 9.38 6.56 -24.54
CA LEU A 5 8.59 6.89 -23.31
C LEU A 5 7.43 5.91 -23.11
N LEU A 6 7.02 5.73 -21.86
CA LEU A 6 5.87 4.88 -21.52
C LEU A 6 4.71 5.76 -21.06
N HIS A 7 3.53 5.59 -21.68
CA HIS A 7 2.33 6.32 -21.27
CA HIS A 7 2.32 6.34 -21.29
C HIS A 7 1.10 5.42 -21.22
N VAL A 8 0.66 5.10 -20.00
CA VAL A 8 -0.54 4.30 -19.76
C VAL A 8 -1.66 5.24 -19.26
N GLY A 9 -2.83 5.18 -19.90
CA GLY A 9 -3.97 6.01 -19.52
C GLY A 9 -4.48 5.72 -18.11
N PRO A 10 -4.67 6.79 -17.30
CA PRO A 10 -5.20 6.65 -15.93
C PRO A 10 -6.73 6.63 -15.87
N THR A 11 -7.29 5.70 -15.09
CA THR A 11 -8.73 5.67 -14.84
C THR A 11 -9.11 6.97 -14.13
N THR A 12 -10.03 7.73 -14.74
CA THR A 12 -10.53 9.00 -14.17
C THR A 12 -11.30 8.72 -12.88
N ILE A 13 -10.98 9.49 -11.84
CA ILE A 13 -11.63 9.32 -10.55
C ILE A 13 -12.63 10.45 -10.33
N LYS A 14 -13.87 10.11 -9.99
CA LYS A 14 -14.84 11.14 -9.62
C LYS A 14 -14.23 11.96 -8.51
N GLU A 15 -14.41 13.27 -8.60
N GLU A 15 -14.40 13.27 -8.61
CA GLU A 15 -13.86 14.18 -7.60
CA GLU A 15 -13.92 14.24 -7.63
C GLU A 15 -14.40 13.87 -6.21
C GLU A 15 -14.41 13.89 -6.22
N ASP A 16 -15.70 13.56 -6.11
CA ASP A 16 -16.32 13.14 -4.86
C ASP A 16 -15.53 12.03 -4.17
N VAL A 17 -15.02 11.09 -4.96
CA VAL A 17 -14.23 10.00 -4.42
C VAL A 17 -12.96 10.53 -3.76
N LEU A 18 -12.20 11.35 -4.51
CA LEU A 18 -10.96 11.92 -4.00
C LEU A 18 -11.16 12.79 -2.77
N VAL A 19 -12.16 13.66 -2.85
CA VAL A 19 -12.47 14.62 -1.82
C VAL A 19 -12.84 13.93 -0.50
N ALA A 20 -13.39 12.72 -0.57
CA ALA A 20 -13.68 11.93 0.65
C ALA A 20 -12.42 11.62 1.49
N GLY A 21 -11.25 11.71 0.87
CA GLY A 21 -9.99 11.50 1.59
C GLY A 21 -9.43 12.72 2.32
N LEU A 22 -10.10 13.87 2.24
CA LEU A 22 -9.62 15.07 2.93
C LEU A 22 -10.13 15.22 4.37
N GLU A 23 -9.91 14.20 5.19
CA GLU A 23 -10.17 14.31 6.62
C GLU A 23 -8.81 14.22 7.32
N ASN A 24 -8.36 15.32 7.91
CA ASN A 24 -6.94 15.42 8.35
C ASN A 24 -6.61 14.99 9.80
N ASN A 25 -7.59 14.39 10.47
CA ASN A 25 -7.37 13.91 11.84
CA ASN A 25 -7.47 13.96 11.85
C ASN A 25 -7.89 12.50 12.06
N VAL A 26 -7.72 11.67 11.02
CA VAL A 26 -8.23 10.30 11.00
C VAL A 26 -7.08 9.29 11.01
N GLY A 27 -7.18 8.27 11.88
CA GLY A 27 -6.16 7.23 11.94
C GLY A 27 -6.88 5.90 11.95
N PHE A 28 -6.14 4.80 12.06
CA PHE A 28 -6.75 3.47 11.97
C PHE A 28 -7.71 3.12 13.13
N THR A 29 -7.66 3.88 14.23
CA THR A 29 -8.57 3.67 15.36
C THR A 29 -9.79 4.60 15.38
N SER A 30 -9.78 5.62 14.52
CA SER A 30 -10.88 6.58 14.40
C SER A 30 -12.16 5.87 13.98
N LYS A 31 -13.28 6.25 14.57
CA LYS A 31 -14.52 5.60 14.21
C LYS A 31 -14.89 5.86 12.74
N GLU A 32 -14.47 7.00 12.21
CA GLU A 32 -14.67 7.31 10.80
C GLU A 32 -13.92 6.30 9.92
N PHE A 33 -12.68 5.95 10.29
CA PHE A 33 -11.95 4.94 9.54
C PHE A 33 -12.62 3.57 9.65
N VAL A 34 -12.93 3.13 10.88
CA VAL A 34 -13.54 1.81 11.10
C VAL A 34 -14.83 1.66 10.27
N GLU A 35 -15.65 2.71 10.29
CA GLU A 35 -16.89 2.73 9.53
C GLU A 35 -16.63 2.65 8.02
N ALA A 36 -15.62 3.36 7.52
CA ALA A 36 -15.31 3.31 6.09
C ALA A 36 -14.81 1.92 5.68
N LEU A 37 -13.97 1.32 6.53
CA LEU A 37 -13.50 -0.03 6.28
C LEU A 37 -14.66 -1.02 6.26
N ALA A 38 -15.50 -1.03 7.31
CA ALA A 38 -16.69 -1.92 7.36
C ALA A 38 -17.60 -1.73 6.13
N TYR A 39 -17.83 -0.48 5.76
CA TYR A 39 -18.64 -0.16 4.58
C TYR A 39 -18.02 -0.71 3.27
N SER A 40 -16.72 -0.52 3.11
CA SER A 40 -15.99 -1.00 1.95
C SER A 40 -16.01 -2.55 1.91
N LEU A 41 -15.85 -3.18 3.07
CA LEU A 41 -15.92 -4.65 3.13
C LEU A 41 -17.28 -5.19 2.63
N LYS A 42 -18.38 -4.58 3.09
CA LYS A 42 -19.72 -4.92 2.57
C LYS A 42 -19.84 -4.58 1.10
N GLY A 43 -19.23 -3.45 0.69
CA GLY A 43 -19.29 -3.04 -0.70
C GLY A 43 -18.67 -4.12 -1.58
N LEU A 44 -17.59 -4.73 -1.07
CA LEU A 44 -16.88 -5.78 -1.79
C LEU A 44 -17.75 -7.03 -1.96
N ARG A 45 -18.47 -7.43 -0.90
CA ARG A 45 -19.43 -8.53 -1.03
C ARG A 45 -20.45 -8.22 -2.13
N TYR A 46 -20.94 -6.98 -2.12
CA TYR A 46 -21.97 -6.54 -3.05
C TYR A 46 -21.52 -6.58 -4.52
N VAL A 47 -20.38 -5.96 -4.84
CA VAL A 47 -19.93 -5.96 -6.24
C VAL A 47 -19.53 -7.36 -6.71
N MET A 48 -19.22 -8.26 -5.79
CA MET A 48 -18.79 -9.60 -6.20
CA MET A 48 -18.80 -9.60 -6.19
C MET A 48 -19.88 -10.67 -6.12
N GLY A 49 -21.06 -10.28 -5.64
CA GLY A 49 -22.20 -11.19 -5.58
C GLY A 49 -21.96 -12.30 -4.59
N ALA A 50 -22.01 -11.97 -3.30
CA ALA A 50 -21.79 -12.95 -2.25
C ALA A 50 -22.46 -12.51 -0.97
N SER A 51 -22.86 -13.51 -0.19
CA SER A 51 -23.51 -13.33 1.10
C SER A 51 -22.47 -13.22 2.22
N LYS A 52 -22.95 -13.02 3.45
CA LYS A 52 -22.11 -12.86 4.64
CA LYS A 52 -22.08 -12.86 4.61
C LYS A 52 -21.20 -14.06 4.96
N ASN A 53 -21.45 -15.21 4.32
CA ASN A 53 -20.59 -16.39 4.49
C ASN A 53 -19.21 -16.21 3.81
N TYR A 54 -19.13 -15.28 2.87
CA TYR A 54 -17.86 -14.99 2.22
C TYR A 54 -17.14 -13.87 2.98
N GLN A 55 -15.83 -14.03 3.16
CA GLN A 55 -15.04 -13.08 3.94
C GLN A 55 -14.23 -12.09 3.07
N PRO A 56 -14.58 -10.79 3.13
CA PRO A 56 -13.77 -9.77 2.41
C PRO A 56 -12.52 -9.33 3.18
N LEU A 57 -11.43 -9.05 2.45
CA LEU A 57 -10.30 -8.38 3.05
C LEU A 57 -9.83 -7.28 2.12
N ILE A 58 -9.34 -6.20 2.72
CA ILE A 58 -8.79 -5.07 2.01
C ILE A 58 -7.40 -4.89 2.58
N ILE A 59 -6.40 -5.05 1.72
CA ILE A 59 -5.00 -5.00 2.14
C ILE A 59 -4.24 -3.90 1.39
N PRO A 60 -3.09 -3.45 1.92
CA PRO A 60 -2.32 -2.46 1.18
C PRO A 60 -1.74 -3.04 -0.11
N GLY A 61 -1.53 -2.16 -1.09
CA GLY A 61 -0.83 -2.50 -2.31
C GLY A 61 -1.70 -2.36 -3.53
N GLY A 62 -2.07 -3.49 -4.13
CA GLY A 62 -2.91 -3.45 -5.34
C GLY A 62 -3.27 -4.86 -5.77
N GLY A 63 -3.57 -5.02 -7.05
CA GLY A 63 -3.86 -6.36 -7.58
C GLY A 63 -2.70 -7.33 -7.32
N THR A 64 -1.47 -6.85 -7.43
CA THR A 64 -0.30 -7.72 -7.28
C THR A 64 -0.11 -8.25 -5.83
N SER A 65 -0.30 -7.38 -4.86
CA SER A 65 -0.18 -7.80 -3.46
C SER A 65 -1.32 -8.76 -3.16
N ALA A 66 -2.52 -8.47 -3.67
CA ALA A 66 -3.68 -9.37 -3.51
C ALA A 66 -3.35 -10.76 -4.10
N MET A 67 -2.89 -10.79 -5.36
CA MET A 67 -2.47 -12.05 -5.97
C MET A 67 -1.44 -12.79 -5.07
N GLU A 68 -0.37 -12.12 -4.65
CA GLU A 68 0.64 -12.81 -3.84
C GLU A 68 0.05 -13.34 -2.51
N SER A 69 -0.88 -12.60 -1.93
CA SER A 69 -1.47 -13.03 -0.66
C SER A 69 -2.21 -14.38 -0.75
N VAL A 70 -2.43 -14.88 -1.98
CA VAL A 70 -3.04 -16.19 -2.20
C VAL A 70 -2.11 -17.33 -1.69
N THR A 71 -0.80 -17.07 -1.66
CA THR A 71 0.16 -18.00 -1.01
C THR A 71 -0.23 -18.31 0.47
N SER A 72 -1.11 -17.49 1.05
CA SER A 72 -1.64 -17.73 2.39
C SER A 72 -2.44 -19.02 2.46
N LEU A 73 -2.77 -19.57 1.29
CA LEU A 73 -3.65 -20.73 1.20
C LEU A 73 -2.88 -21.95 0.72
N LEU A 74 -1.56 -21.80 0.61
CA LEU A 74 -0.73 -22.85 0.02
C LEU A 74 0.27 -23.48 1.02
N LYS A 75 0.68 -24.71 0.70
CA LYS A 75 1.68 -25.45 1.49
C LYS A 75 2.84 -25.87 0.62
N PRO A 76 4.01 -26.19 1.22
CA PRO A 76 5.11 -26.52 0.30
C PRO A 76 4.73 -27.68 -0.63
N ASN A 77 5.19 -27.58 -1.88
CA ASN A 77 4.94 -28.57 -2.94
C ASN A 77 3.52 -28.64 -3.50
N ASP A 78 2.64 -27.72 -3.07
CA ASP A 78 1.29 -27.65 -3.66
C ASP A 78 1.34 -27.51 -5.19
N LYS A 79 0.40 -28.15 -5.85
CA LYS A 79 0.32 -28.10 -7.32
C LYS A 79 -0.66 -27.04 -7.82
N ILE A 80 -0.14 -26.16 -8.69
CA ILE A 80 -0.91 -25.01 -9.19
C ILE A 80 -1.02 -25.03 -10.72
N LEU A 81 -2.23 -24.79 -11.22
CA LEU A 81 -2.47 -24.60 -12.66
C LEU A 81 -2.88 -23.16 -12.90
N VAL A 82 -2.06 -22.46 -13.69
CA VAL A 82 -2.33 -21.09 -14.08
C VAL A 82 -2.90 -21.09 -15.51
N VAL A 83 -4.10 -20.53 -15.68
CA VAL A 83 -4.69 -20.36 -17.02
C VAL A 83 -4.40 -18.92 -17.46
N SER A 84 -3.36 -18.77 -18.30
CA SER A 84 -2.87 -17.44 -18.63
C SER A 84 -3.10 -17.03 -20.09
N ASN A 85 -3.89 -15.97 -20.25
CA ASN A 85 -4.13 -15.36 -21.55
C ASN A 85 -3.19 -14.24 -21.93
N GLY A 86 -2.27 -13.89 -21.04
CA GLY A 86 -1.22 -12.92 -21.37
C GLY A 86 -0.47 -12.44 -20.15
N VAL A 87 -0.07 -11.17 -20.17
CA VAL A 87 0.80 -10.57 -19.15
C VAL A 87 0.37 -10.82 -17.71
N PHE A 88 -0.89 -10.55 -17.42
CA PHE A 88 -1.34 -10.65 -16.04
C PHE A 88 -1.62 -12.09 -15.57
N GLY A 89 -1.99 -12.96 -16.49
CA GLY A 89 -1.96 -14.40 -16.21
C GLY A 89 -0.52 -14.84 -15.91
N ASP A 90 0.43 -14.35 -16.72
CA ASP A 90 1.82 -14.74 -16.53
C ASP A 90 2.41 -14.25 -15.19
N ARG A 91 1.86 -13.17 -14.67
CA ARG A 91 2.28 -12.66 -13.37
C ARG A 91 2.00 -13.68 -12.24
N TRP A 92 0.96 -14.50 -12.35
CA TRP A 92 0.79 -15.57 -11.36
C TRP A 92 2.06 -16.44 -11.29
N GLU A 93 2.56 -16.84 -12.47
CA GLU A 93 3.75 -17.68 -12.54
C GLU A 93 4.99 -16.98 -11.98
N GLN A 94 5.14 -15.69 -12.26
CA GLN A 94 6.27 -14.91 -11.76
C GLN A 94 6.21 -14.82 -10.22
N ILE A 95 5.00 -14.62 -9.68
CA ILE A 95 4.82 -14.59 -8.23
C ILE A 95 5.17 -15.98 -7.63
N PHE A 96 4.60 -17.03 -8.20
CA PHE A 96 4.80 -18.37 -7.63
C PHE A 96 6.24 -18.90 -7.72
N LYS A 97 7.06 -18.37 -8.62
CA LYS A 97 8.48 -18.73 -8.65
C LYS A 97 9.20 -18.35 -7.36
N ARG A 98 8.64 -17.42 -6.58
CA ARG A 98 9.27 -17.01 -5.32
C ARG A 98 8.90 -17.96 -4.18
N TYR A 99 8.09 -18.99 -4.46
CA TYR A 99 7.52 -19.89 -3.45
C TYR A 99 7.75 -21.37 -3.79
N PRO A 100 7.84 -22.23 -2.75
CA PRO A 100 8.10 -23.66 -2.97
C PRO A 100 6.84 -24.39 -3.41
N VAL A 101 6.43 -24.12 -4.65
CA VAL A 101 5.23 -24.70 -5.20
C VAL A 101 5.50 -25.18 -6.63
N ASN A 102 4.61 -26.02 -7.14
CA ASN A 102 4.72 -26.59 -8.48
CA ASN A 102 4.72 -26.60 -8.48
C ASN A 102 3.70 -25.98 -9.43
N VAL A 103 4.20 -25.28 -10.44
CA VAL A 103 3.33 -24.52 -11.34
C VAL A 103 3.28 -25.08 -12.77
N LYS A 104 2.08 -25.32 -13.28
CA LYS A 104 1.92 -25.55 -14.71
C LYS A 104 1.05 -24.42 -15.29
N VAL A 105 1.47 -23.87 -16.45
CA VAL A 105 0.75 -22.81 -17.15
C VAL A 105 0.12 -23.26 -18.49
N LEU A 106 -1.20 -23.10 -18.64
CA LEU A 106 -1.86 -23.23 -19.95
C LEU A 106 -1.96 -21.86 -20.62
N ARG A 107 -1.53 -21.77 -21.87
CA ARG A 107 -1.62 -20.54 -22.66
C ARG A 107 -2.31 -20.84 -24.00
N PRO A 108 -3.14 -19.90 -24.52
CA PRO A 108 -3.75 -20.09 -25.85
C PRO A 108 -2.90 -19.40 -26.93
N SER A 109 -3.37 -19.36 -28.19
CA SER A 109 -2.72 -18.60 -29.25
CA SER A 109 -2.72 -18.61 -29.26
C SER A 109 -2.76 -17.12 -28.89
N PRO A 110 -1.81 -16.31 -29.42
CA PRO A 110 -1.88 -14.91 -28.95
C PRO A 110 -3.27 -14.27 -29.14
N GLY A 111 -3.77 -13.59 -28.13
CA GLY A 111 -5.02 -12.85 -28.25
C GLY A 111 -6.26 -13.73 -28.17
N ASP A 112 -6.07 -15.04 -28.01
CA ASP A 112 -7.18 -15.96 -27.83
C ASP A 112 -7.35 -16.20 -26.32
N TYR A 113 -8.14 -17.20 -25.94
CA TYR A 113 -8.32 -17.56 -24.56
C TYR A 113 -8.40 -19.08 -24.45
N VAL A 114 -8.02 -19.61 -23.30
CA VAL A 114 -8.02 -21.05 -23.04
C VAL A 114 -9.46 -21.51 -22.87
N LYS A 115 -9.88 -22.45 -23.71
CA LYS A 115 -11.29 -22.90 -23.66
C LYS A 115 -11.50 -23.68 -22.39
N PRO A 116 -12.74 -23.66 -21.86
CA PRO A 116 -13.11 -24.39 -20.67
C PRO A 116 -12.76 -25.88 -20.77
N GLY A 117 -12.92 -26.45 -21.97
CA GLY A 117 -12.61 -27.88 -22.20
C GLY A 117 -11.16 -28.21 -22.02
N GLU A 118 -10.27 -27.29 -22.46
CA GLU A 118 -8.83 -27.46 -22.32
CA GLU A 118 -8.82 -27.46 -22.32
C GLU A 118 -8.39 -27.45 -20.84
N VAL A 119 -8.99 -26.58 -20.04
CA VAL A 119 -8.73 -26.56 -18.59
C VAL A 119 -9.25 -27.86 -17.94
N GLU A 120 -10.48 -28.22 -18.29
CA GLU A 120 -11.13 -29.43 -17.78
C GLU A 120 -10.28 -30.65 -18.06
N GLU A 121 -9.79 -30.76 -19.29
CA GLU A 121 -8.91 -31.85 -19.66
C GLU A 121 -7.69 -31.95 -18.73
N GLU A 122 -7.09 -30.80 -18.43
CA GLU A 122 -5.86 -30.80 -17.64
C GLU A 122 -6.12 -31.15 -16.17
N VAL A 123 -7.22 -30.68 -15.61
CA VAL A 123 -7.50 -30.94 -14.19
C VAL A 123 -8.02 -32.35 -13.93
N ARG A 124 -8.43 -33.06 -14.99
CA ARG A 124 -8.87 -34.46 -14.85
C ARG A 124 -7.68 -35.39 -15.00
N LYS A 125 -6.69 -34.96 -15.77
CA LYS A 125 -5.45 -35.68 -15.98
C LYS A 125 -4.54 -35.66 -14.74
N SER A 126 -4.41 -34.50 -14.10
CA SER A 126 -3.56 -34.34 -12.91
C SER A 126 -4.31 -33.62 -11.78
N GLU A 127 -3.86 -33.88 -10.56
CA GLU A 127 -4.52 -33.33 -9.38
C GLU A 127 -3.89 -31.97 -9.05
N TYR A 128 -4.73 -30.93 -8.96
CA TYR A 128 -4.29 -29.56 -8.62
C TYR A 128 -4.90 -29.06 -7.33
N LYS A 129 -4.06 -28.47 -6.49
CA LYS A 129 -4.52 -27.77 -5.29
C LYS A 129 -5.30 -26.48 -5.71
N LEU A 130 -4.71 -25.75 -6.65
CA LEU A 130 -5.18 -24.40 -7.00
C LEU A 130 -5.23 -24.17 -8.51
N VAL A 131 -6.35 -23.64 -8.99
CA VAL A 131 -6.40 -23.13 -10.35
C VAL A 131 -6.57 -21.60 -10.36
N ALA A 132 -5.68 -20.92 -11.10
CA ALA A 132 -5.70 -19.46 -11.20
C ALA A 132 -6.22 -19.03 -12.57
N LEU A 133 -7.23 -18.15 -12.58
CA LEU A 133 -7.78 -17.57 -13.80
C LEU A 133 -7.64 -16.04 -13.79
N THR A 134 -7.67 -15.44 -14.98
CA THR A 134 -7.73 -14.00 -15.15
C THR A 134 -9.07 -13.68 -15.83
N HIS A 135 -9.97 -12.99 -15.12
CA HIS A 135 -11.28 -12.68 -15.68
C HIS A 135 -11.16 -11.85 -16.96
N VAL A 136 -10.47 -10.72 -16.87
CA VAL A 136 -10.14 -9.94 -18.07
C VAL A 136 -8.63 -9.74 -18.12
N GLU A 137 -8.03 -10.15 -19.23
CA GLU A 137 -6.59 -10.00 -19.45
C GLU A 137 -6.34 -8.64 -20.07
N THR A 138 -5.81 -7.76 -19.23
CA THR A 138 -5.71 -6.35 -19.53
C THR A 138 -4.80 -6.10 -20.73
N SER A 139 -3.78 -6.95 -20.91
CA SER A 139 -2.82 -6.72 -21.99
C SER A 139 -3.42 -6.96 -23.39
N THR A 140 -4.52 -7.69 -23.48
CA THR A 140 -5.12 -8.03 -24.77
C THR A 140 -6.62 -7.71 -24.87
N GLY A 141 -7.25 -7.40 -23.75
CA GLY A 141 -8.68 -7.08 -23.74
C GLY A 141 -9.58 -8.30 -23.84
N VAL A 142 -9.05 -9.45 -23.49
CA VAL A 142 -9.75 -10.72 -23.62
C VAL A 142 -10.38 -11.17 -22.30
N ARG A 143 -11.68 -11.39 -22.32
CA ARG A 143 -12.42 -11.87 -21.16
C ARG A 143 -12.51 -13.39 -21.20
N GLU A 144 -12.04 -14.04 -20.14
CA GLU A 144 -12.14 -15.49 -19.99
C GLU A 144 -13.53 -15.87 -19.52
N PRO A 145 -14.15 -16.91 -20.13
CA PRO A 145 -15.48 -17.34 -19.68
C PRO A 145 -15.32 -18.10 -18.38
N VAL A 146 -15.14 -17.34 -17.30
CA VAL A 146 -14.77 -17.91 -16.02
C VAL A 146 -15.84 -18.82 -15.46
N LYS A 147 -17.12 -18.41 -15.60
CA LYS A 147 -18.25 -19.24 -15.17
C LYS A 147 -18.21 -20.60 -15.86
N ASP A 148 -17.99 -20.62 -17.18
CA ASP A 148 -18.00 -21.86 -17.93
C ASP A 148 -16.84 -22.73 -17.48
N VAL A 149 -15.66 -22.13 -17.34
CA VAL A 149 -14.45 -22.84 -16.87
C VAL A 149 -14.71 -23.52 -15.54
N ILE A 150 -15.24 -22.75 -14.58
CA ILE A 150 -15.46 -23.26 -13.23
C ILE A 150 -16.50 -24.39 -13.19
N ASN A 151 -17.61 -24.23 -13.90
CA ASN A 151 -18.61 -25.28 -13.99
C ASN A 151 -18.00 -26.63 -14.36
N LYS A 152 -17.06 -26.59 -15.29
CA LYS A 152 -16.37 -27.80 -15.72
C LYS A 152 -15.30 -28.30 -14.74
N ILE A 153 -14.60 -27.41 -14.03
CA ILE A 153 -13.46 -27.86 -13.20
C ILE A 153 -13.73 -27.97 -11.71
N ARG A 154 -14.84 -27.39 -11.24
CA ARG A 154 -15.10 -27.26 -9.79
C ARG A 154 -14.87 -28.54 -8.99
N LYS A 155 -15.38 -29.68 -9.49
CA LYS A 155 -15.28 -30.93 -8.72
C LYS A 155 -13.90 -31.62 -8.77
N TYR A 156 -12.97 -31.11 -9.58
CA TYR A 156 -11.66 -31.74 -9.71
C TYR A 156 -10.54 -31.00 -9.00
N VAL A 157 -10.84 -29.83 -8.42
CA VAL A 157 -9.76 -29.03 -7.83
C VAL A 157 -10.17 -28.50 -6.47
N GLU A 158 -9.21 -28.37 -5.57
CA GLU A 158 -9.50 -27.89 -4.22
CA GLU A 158 -9.50 -27.89 -4.22
C GLU A 158 -9.81 -26.39 -4.20
N LEU A 159 -8.99 -25.59 -4.90
CA LEU A 159 -9.17 -24.13 -4.84
C LEU A 159 -9.16 -23.48 -6.22
N ILE A 160 -10.07 -22.50 -6.39
CA ILE A 160 -10.14 -21.67 -7.60
C ILE A 160 -9.99 -20.18 -7.25
N VAL A 161 -8.99 -19.54 -7.86
CA VAL A 161 -8.79 -18.11 -7.68
CA VAL A 161 -8.79 -18.11 -7.68
C VAL A 161 -8.96 -17.38 -9.01
N VAL A 162 -9.61 -16.21 -8.96
CA VAL A 162 -9.87 -15.39 -10.13
C VAL A 162 -9.33 -13.97 -9.92
N ASP A 163 -8.39 -13.57 -10.77
CA ASP A 163 -7.95 -12.18 -10.86
C ASP A 163 -9.02 -11.35 -11.62
N GLY A 164 -9.76 -10.53 -10.89
CA GLY A 164 -10.80 -9.65 -11.45
C GLY A 164 -10.41 -8.17 -11.41
N VAL A 165 -9.11 -7.88 -11.40
CA VAL A 165 -8.66 -6.48 -11.40
C VAL A 165 -9.33 -5.64 -12.50
N SER A 166 -9.44 -6.18 -13.73
CA SER A 166 -10.09 -5.47 -14.83
C SER A 166 -11.51 -5.93 -15.11
N SER A 167 -12.19 -6.55 -14.13
CA SER A 167 -13.55 -7.00 -14.36
C SER A 167 -14.52 -6.62 -13.26
N VAL A 168 -14.05 -6.63 -12.00
CA VAL A 168 -14.93 -6.41 -10.88
C VAL A 168 -15.42 -4.97 -10.89
N GLY A 169 -16.74 -4.82 -10.77
CA GLY A 169 -17.40 -3.52 -10.92
C GLY A 169 -17.82 -3.16 -12.35
N ALA A 170 -17.51 -4.04 -13.32
CA ALA A 170 -17.82 -3.75 -14.73
C ALA A 170 -18.39 -4.95 -15.51
N GLU A 171 -17.85 -6.14 -15.28
CA GLU A 171 -18.37 -7.38 -15.86
C GLU A 171 -19.16 -8.06 -14.77
N GLU A 172 -20.08 -8.94 -15.17
CA GLU A 172 -20.82 -9.77 -14.23
C GLU A 172 -19.85 -10.61 -13.43
N VAL A 173 -19.99 -10.56 -12.10
CA VAL A 173 -19.20 -11.39 -11.22
C VAL A 173 -20.17 -12.03 -10.21
N LYS A 174 -20.11 -13.36 -10.06
CA LYS A 174 -20.94 -14.04 -9.07
C LYS A 174 -20.04 -14.98 -8.27
N ALA A 175 -19.31 -14.45 -7.29
CA ALA A 175 -18.30 -15.25 -6.60
C ALA A 175 -18.91 -16.45 -5.89
N GLU A 176 -20.05 -16.24 -5.26
CA GLU A 176 -20.71 -17.29 -4.47
C GLU A 176 -21.41 -18.29 -5.38
N GLU A 177 -22.29 -17.81 -6.24
CA GLU A 177 -23.00 -18.68 -7.17
C GLU A 177 -22.03 -19.56 -7.99
N TRP A 178 -20.94 -18.96 -8.50
CA TRP A 178 -19.92 -19.73 -9.26
C TRP A 178 -18.96 -20.55 -8.39
N ASN A 179 -19.04 -20.39 -7.07
CA ASN A 179 -18.18 -21.14 -6.14
C ASN A 179 -16.67 -20.86 -6.37
N VAL A 180 -16.29 -19.59 -6.29
CA VAL A 180 -14.89 -19.21 -6.43
C VAL A 180 -14.34 -19.16 -5.01
N ASP A 181 -13.10 -19.57 -4.84
CA ASP A 181 -12.50 -19.51 -3.50
C ASP A 181 -11.81 -18.19 -3.12
N VAL A 182 -11.19 -17.55 -4.11
CA VAL A 182 -10.67 -16.20 -3.95
C VAL A 182 -11.02 -15.41 -5.19
N TYR A 183 -11.79 -14.34 -5.01
CA TYR A 183 -12.01 -13.41 -6.11
C TYR A 183 -11.32 -12.13 -5.71
N LEU A 184 -10.44 -11.60 -6.55
CA LEU A 184 -9.68 -10.46 -6.10
C LEU A 184 -9.69 -9.32 -7.11
N THR A 185 -9.49 -8.11 -6.61
CA THR A 185 -9.36 -6.95 -7.48
C THR A 185 -8.47 -5.90 -6.82
N ALA A 186 -8.42 -4.70 -7.41
CA ALA A 186 -7.64 -3.61 -6.89
C ALA A 186 -8.56 -2.39 -6.78
N SER A 187 -8.09 -1.33 -6.13
CA SER A 187 -8.98 -0.18 -5.95
C SER A 187 -9.06 0.74 -7.18
N GLN A 188 -8.04 0.70 -8.04
CA GLN A 188 -7.88 1.78 -9.04
C GLN A 188 -8.38 1.47 -10.45
N LYS A 189 -9.00 0.30 -10.66
CA LYS A 189 -9.39 -0.05 -12.04
C LYS A 189 -10.90 0.11 -12.24
N ALA A 190 -11.62 -0.98 -12.48
CA ALA A 190 -13.06 -0.91 -12.78
C ALA A 190 -13.88 -0.41 -11.59
N LEU A 191 -13.30 -0.43 -10.37
CA LEU A 191 -13.95 0.23 -9.23
C LEU A 191 -13.80 1.75 -9.26
N GLY A 192 -12.77 2.26 -9.95
CA GLY A 192 -12.58 3.71 -10.15
C GLY A 192 -12.23 4.54 -8.95
N SER A 193 -11.57 3.95 -7.96
CA SER A 193 -11.16 4.70 -6.77
C SER A 193 -9.65 4.97 -6.81
N ALA A 194 -9.11 5.55 -5.74
CA ALA A 194 -7.66 5.86 -5.69
C ALA A 194 -6.82 4.59 -5.48
N ALA A 195 -5.63 4.57 -6.09
CA ALA A 195 -4.70 3.44 -6.01
C ALA A 195 -4.15 3.25 -4.62
N GLY A 196 -3.81 2.00 -4.27
CA GLY A 196 -3.13 1.71 -3.00
C GLY A 196 -3.65 0.49 -2.25
N LEU A 197 -4.72 -0.15 -2.75
CA LEU A 197 -5.35 -1.29 -2.04
C LEU A 197 -5.58 -2.50 -2.92
N GLY A 198 -5.34 -3.68 -2.36
CA GLY A 198 -5.79 -4.94 -2.93
C GLY A 198 -7.05 -5.40 -2.19
N LEU A 199 -7.93 -6.07 -2.91
CA LEU A 199 -9.22 -6.47 -2.34
C LEU A 199 -9.48 -7.92 -2.65
N LEU A 200 -9.91 -8.67 -1.66
CA LEU A 200 -10.10 -10.12 -1.78
C LEU A 200 -11.42 -10.54 -1.16
N LEU A 201 -12.06 -11.52 -1.78
CA LEU A 201 -13.23 -12.18 -1.21
C LEU A 201 -12.96 -13.69 -1.18
N LEU A 202 -13.01 -14.25 0.03
CA LEU A 202 -12.68 -15.64 0.26
C LEU A 202 -13.92 -16.45 0.57
N SER A 203 -13.98 -17.66 0.00
CA SER A 203 -15.05 -18.62 0.33
C SER A 203 -14.92 -19.13 1.79
N PRO A 204 -15.98 -19.75 2.33
CA PRO A 204 -15.81 -20.47 3.60
C PRO A 204 -14.67 -21.49 3.53
N LYS A 205 -14.51 -22.19 2.41
CA LYS A 205 -13.41 -23.13 2.30
C LYS A 205 -12.03 -22.47 2.44
N ALA A 206 -11.81 -21.36 1.73
CA ALA A 206 -10.54 -20.66 1.85
C ALA A 206 -10.33 -20.12 3.25
N LEU A 207 -11.41 -19.62 3.86
CA LEU A 207 -11.35 -19.11 5.24
C LEU A 207 -10.95 -20.19 6.27
N SER A 208 -11.44 -21.42 6.10
CA SER A 208 -11.07 -22.53 6.98
CA SER A 208 -11.08 -22.52 6.98
C SER A 208 -9.58 -22.82 6.87
N ILE A 209 -9.04 -22.75 5.66
CA ILE A 209 -7.60 -22.92 5.51
C ILE A 209 -6.86 -21.88 6.38
N LEU A 210 -7.25 -20.60 6.27
CA LEU A 210 -6.65 -19.55 7.08
C LEU A 210 -6.74 -19.84 8.58
N ASP A 211 -7.91 -20.27 9.03
CA ASP A 211 -8.19 -20.41 10.46
C ASP A 211 -7.55 -21.66 11.09
N SER A 212 -7.24 -22.65 10.26
CA SER A 212 -6.84 -23.95 10.81
C SER A 212 -5.51 -24.52 10.33
N GLN A 213 -4.89 -23.90 9.32
CA GLN A 213 -3.65 -24.45 8.72
CA GLN A 213 -3.65 -24.45 8.72
C GLN A 213 -2.53 -23.41 8.68
N ASN A 214 -1.29 -23.88 8.58
CA ASN A 214 -0.12 -23.04 8.33
C ASN A 214 0.01 -22.76 6.81
N SER A 215 0.94 -21.89 6.40
CA SER A 215 1.08 -21.62 4.97
C SER A 215 2.49 -21.19 4.66
N ILE A 216 2.78 -21.01 3.38
CA ILE A 216 4.10 -20.57 2.93
C ILE A 216 4.22 -19.03 2.78
N ALA A 217 3.17 -18.33 3.22
CA ALA A 217 3.11 -16.85 3.14
C ALA A 217 4.23 -16.19 3.94
N GLY A 218 4.60 -14.99 3.53
CA GLY A 218 5.50 -14.13 4.30
C GLY A 218 4.72 -13.54 5.46
N TYR A 219 5.08 -12.32 5.85
CA TYR A 219 4.46 -11.71 7.01
C TYR A 219 3.34 -10.72 6.61
N TYR A 220 3.72 -9.68 5.85
CA TYR A 220 2.81 -8.61 5.43
C TYR A 220 1.63 -9.11 4.57
N LEU A 221 1.89 -10.11 3.75
CA LEU A 221 0.89 -10.64 2.84
C LEU A 221 0.26 -11.96 3.30
N ASP A 222 0.39 -12.31 4.57
CA ASP A 222 -0.35 -13.42 5.14
C ASP A 222 -1.70 -12.89 5.54
N LEU A 223 -2.72 -13.32 4.81
CA LEU A 223 -4.09 -12.90 5.08
C LEU A 223 -4.53 -13.15 6.52
N ARG A 224 -3.91 -14.14 7.19
CA ARG A 224 -4.17 -14.34 8.63
C ARG A 224 -3.93 -13.10 9.45
N ASN A 225 -2.90 -12.33 9.10
CA ASN A 225 -2.54 -11.15 9.88
C ASN A 225 -3.53 -10.00 9.71
N TRP A 226 -4.20 -9.98 8.57
CA TRP A 226 -5.22 -8.95 8.26
C TRP A 226 -6.62 -9.31 8.74
N LEU A 227 -6.92 -10.60 8.86
CA LEU A 227 -8.24 -11.06 9.30
C LEU A 227 -8.77 -10.39 10.57
N PRO A 228 -7.96 -10.31 11.65
CA PRO A 228 -8.54 -9.66 12.84
C PRO A 228 -8.93 -8.19 12.60
N VAL A 229 -8.23 -7.52 11.69
CA VAL A 229 -8.54 -6.12 11.37
C VAL A 229 -9.89 -6.04 10.67
N MET A 230 -10.12 -6.95 9.70
CA MET A 230 -11.35 -7.00 8.91
C MET A 230 -12.56 -7.42 9.75
N ARG A 231 -12.40 -8.48 10.53
CA ARG A 231 -13.42 -8.95 11.47
C ARG A 231 -13.75 -7.88 12.51
N GLY A 232 -12.73 -7.26 13.08
CA GLY A 232 -12.94 -6.19 14.06
C GLY A 232 -13.78 -5.05 13.47
N ALA A 233 -13.40 -4.58 12.28
CA ALA A 233 -14.11 -3.48 11.63
C ALA A 233 -15.62 -3.73 11.48
N GLU A 234 -16.00 -4.91 11.06
CA GLU A 234 -17.43 -5.20 10.92
C GLU A 234 -18.17 -5.28 12.26
N GLU A 235 -17.46 -5.46 13.38
CA GLU A 235 -18.07 -5.40 14.71
CA GLU A 235 -18.07 -5.41 14.71
C GLU A 235 -17.91 -4.00 15.30
N GLY A 236 -17.44 -3.06 14.46
CA GLY A 236 -17.22 -1.69 14.90
C GLY A 236 -16.02 -1.51 15.83
N LYS A 237 -15.03 -2.40 15.71
CA LYS A 237 -13.84 -2.35 16.57
CA LYS A 237 -13.84 -2.36 16.56
C LYS A 237 -12.56 -2.07 15.77
N ALA A 238 -11.68 -1.26 16.33
CA ALA A 238 -10.37 -1.01 15.72
C ALA A 238 -9.43 -2.12 16.16
N ALA A 239 -8.56 -2.56 15.26
CA ALA A 239 -7.53 -3.54 15.59
C ALA A 239 -6.30 -3.22 14.77
N TYR A 240 -5.13 -3.59 15.27
CA TYR A 240 -3.90 -3.20 14.61
C TYR A 240 -3.12 -4.43 14.17
N PHE A 241 -2.81 -4.53 12.89
CA PHE A 241 -1.74 -5.39 12.46
C PHE A 241 -0.59 -4.55 11.91
N ALA A 242 -0.87 -3.81 10.83
CA ALA A 242 0.06 -2.84 10.25
C ALA A 242 -0.79 -1.67 9.75
N THR A 243 -0.20 -0.48 9.70
CA THR A 243 -0.99 0.70 9.33
C THR A 243 -1.50 0.55 7.89
N PRO A 244 -2.82 0.65 7.67
CA PRO A 244 -3.31 0.60 6.29
C PRO A 244 -3.29 1.99 5.62
N PRO A 245 -3.55 2.07 4.30
CA PRO A 245 -3.64 3.39 3.68
C PRO A 245 -5.01 4.03 4.05
N VAL A 246 -5.04 4.64 5.24
CA VAL A 246 -6.26 5.13 5.89
C VAL A 246 -7.14 5.96 4.94
N HIS A 247 -6.55 6.97 4.30
CA HIS A 247 -7.34 7.88 3.46
C HIS A 247 -7.74 7.29 2.12
N VAL A 248 -6.96 6.34 1.62
CA VAL A 248 -7.31 5.61 0.40
C VAL A 248 -8.57 4.77 0.67
N ILE A 249 -8.66 4.26 1.89
CA ILE A 249 -9.83 3.46 2.29
C ILE A 249 -11.07 4.36 2.49
N LEU A 250 -10.87 5.59 2.96
CA LEU A 250 -11.97 6.56 3.04
C LEU A 250 -12.52 6.81 1.64
N GLN A 251 -11.60 6.99 0.68
CA GLN A 251 -11.94 7.18 -0.72
C GLN A 251 -12.68 5.99 -1.31
N LEU A 252 -12.19 4.78 -1.00
CA LEU A 252 -12.85 3.55 -1.44
C LEU A 252 -14.28 3.44 -0.93
N ALA A 253 -14.53 3.83 0.32
CA ALA A 253 -15.88 3.77 0.88
C ALA A 253 -16.82 4.64 0.06
N GLU A 254 -16.32 5.80 -0.34
CA GLU A 254 -17.10 6.73 -1.16
C GLU A 254 -17.34 6.16 -2.56
N ALA A 255 -16.34 5.53 -3.16
CA ALA A 255 -16.56 4.83 -4.43
C ALA A 255 -17.64 3.76 -4.29
N PHE A 256 -17.61 2.97 -3.22
CA PHE A 256 -18.65 1.95 -3.00
C PHE A 256 -20.05 2.56 -2.78
N ARG A 257 -20.12 3.71 -2.12
CA ARG A 257 -21.39 4.42 -2.00
C ARG A 257 -21.95 4.76 -3.38
N LEU A 258 -21.13 5.34 -4.25
CA LEU A 258 -21.54 5.64 -5.62
C LEU A 258 -21.91 4.40 -6.44
N ILE A 259 -21.15 3.32 -6.27
CA ILE A 259 -21.47 2.04 -6.92
C ILE A 259 -22.82 1.48 -6.45
N GLU A 260 -23.07 1.53 -5.16
CA GLU A 260 -24.34 1.04 -4.61
CA GLU A 260 -24.34 1.04 -4.61
C GLU A 260 -25.52 1.93 -4.99
N LYS A 261 -25.28 3.23 -5.16
CA LYS A 261 -26.32 4.15 -5.57
C LYS A 261 -26.73 3.89 -7.04
N GLU A 262 -25.76 3.70 -7.93
CA GLU A 262 -26.06 3.29 -9.30
C GLU A 262 -26.70 1.90 -9.37
N GLY A 263 -26.21 0.97 -8.56
CA GLY A 263 -26.62 -0.43 -8.61
C GLY A 263 -25.69 -1.20 -9.53
N ILE A 264 -25.24 -2.37 -9.10
CA ILE A 264 -24.21 -3.14 -9.83
C ILE A 264 -24.70 -3.61 -11.21
N GLU A 265 -25.96 -4.05 -11.30
CA GLU A 265 -26.57 -4.48 -12.56
CA GLU A 265 -26.51 -4.49 -12.59
C GLU A 265 -26.57 -3.34 -13.58
N ASN A 266 -26.95 -2.14 -13.12
CA ASN A 266 -26.88 -0.95 -13.95
C ASN A 266 -25.46 -0.59 -14.37
N ARG A 267 -24.52 -0.73 -13.44
CA ARG A 267 -23.10 -0.49 -13.73
CA ARG A 267 -23.10 -0.50 -13.73
C ARG A 267 -22.61 -1.38 -14.86
N ILE A 268 -22.98 -2.66 -14.78
CA ILE A 268 -22.58 -3.65 -15.78
C ILE A 268 -23.16 -3.28 -17.15
N LYS A 269 -24.45 -2.90 -17.17
CA LYS A 269 -25.10 -2.51 -18.42
C LYS A 269 -24.42 -1.30 -19.05
N ARG A 270 -23.98 -0.37 -18.21
CA ARG A 270 -23.33 0.84 -18.70
C ARG A 270 -22.02 0.47 -19.41
N HIS A 271 -21.25 -0.43 -18.80
CA HIS A 271 -19.99 -0.87 -19.38
C HIS A 271 -20.26 -1.64 -20.68
N THR A 272 -21.31 -2.45 -20.70
CA THR A 272 -21.65 -3.16 -21.95
C THR A 272 -21.97 -2.20 -23.10
N MET A 273 -22.81 -1.19 -22.81
CA MET A 273 -23.21 -0.21 -23.83
CA MET A 273 -23.22 -0.20 -23.81
C MET A 273 -22.03 0.63 -24.30
N VAL A 274 -21.23 1.14 -23.37
CA VAL A 274 -20.09 1.96 -23.77
C VAL A 274 -19.10 1.13 -24.59
N ALA A 275 -18.82 -0.09 -24.12
CA ALA A 275 -17.88 -0.92 -24.87
C ALA A 275 -18.44 -1.32 -26.23
N SER A 276 -19.73 -1.66 -26.30
CA SER A 276 -20.35 -2.05 -27.58
C SER A 276 -20.30 -0.88 -28.55
N ALA A 277 -20.55 0.32 -28.02
CA ALA A 277 -20.52 1.52 -28.84
C ALA A 277 -19.13 1.75 -29.35
N ILE A 278 -18.13 1.68 -28.46
CA ILE A 278 -16.74 1.86 -28.90
C ILE A 278 -16.37 0.82 -29.95
N ARG A 279 -16.74 -0.45 -29.72
CA ARG A 279 -16.35 -1.47 -30.69
C ARG A 279 -17.04 -1.22 -32.06
N ALA A 280 -18.30 -0.80 -32.03
CA ALA A 280 -19.04 -0.53 -33.26
C ALA A 280 -18.33 0.59 -34.03
N GLY A 281 -17.86 1.60 -33.31
CA GLY A 281 -17.04 2.66 -33.90
C GLY A 281 -15.79 2.12 -34.57
N LEU A 282 -15.06 1.24 -33.87
CA LEU A 282 -13.82 0.67 -34.41
C LEU A 282 -14.09 -0.12 -35.69
N GLU A 283 -15.11 -0.95 -35.64
CA GLU A 283 -15.45 -1.78 -36.79
CA GLU A 283 -15.45 -1.78 -36.79
C GLU A 283 -15.87 -0.92 -37.98
N ALA A 284 -16.65 0.14 -37.75
CA ALA A 284 -17.10 1.00 -38.85
C ALA A 284 -15.93 1.74 -39.50
N LEU A 285 -14.83 1.92 -38.77
CA LEU A 285 -13.61 2.52 -39.32
C LEU A 285 -12.79 1.51 -40.11
N GLY A 286 -13.15 0.23 -39.97
CA GLY A 286 -12.41 -0.85 -40.60
C GLY A 286 -11.20 -1.25 -39.76
N LEU A 287 -11.21 -0.90 -38.47
CA LEU A 287 -10.12 -1.28 -37.58
C LEU A 287 -10.37 -2.65 -37.00
N GLU A 288 -9.29 -3.43 -36.89
CA GLU A 288 -9.37 -4.77 -36.35
C GLU A 288 -9.11 -4.76 -34.84
N ILE A 289 -9.89 -5.56 -34.12
CA ILE A 289 -9.77 -5.71 -32.66
C ILE A 289 -8.72 -6.81 -32.33
N VAL A 290 -7.94 -6.64 -31.26
CA VAL A 290 -6.90 -7.62 -30.91
C VAL A 290 -7.50 -8.96 -30.46
N ALA A 291 -8.50 -8.93 -29.57
CA ALA A 291 -9.14 -10.18 -29.14
C ALA A 291 -9.59 -11.00 -30.34
N ARG A 292 -9.19 -12.28 -30.39
CA ARG A 292 -9.43 -13.11 -31.59
C ARG A 292 -10.87 -13.53 -31.69
N ARG A 293 -11.50 -13.78 -30.54
CA ARG A 293 -12.85 -14.33 -30.51
CA ARG A 293 -12.85 -14.33 -30.50
C ARG A 293 -13.85 -13.31 -29.94
N PRO A 294 -14.86 -12.92 -30.75
CA PRO A 294 -15.83 -11.89 -30.32
C PRO A 294 -16.52 -12.13 -28.99
N GLU A 295 -16.80 -13.39 -28.66
CA GLU A 295 -17.44 -13.68 -27.39
C GLU A 295 -16.54 -13.28 -26.19
N SER A 296 -15.24 -13.08 -26.43
CA SER A 296 -14.31 -12.67 -25.37
C SER A 296 -13.97 -11.16 -25.35
N TYR A 297 -14.66 -10.34 -26.15
CA TYR A 297 -14.41 -8.89 -26.18
C TYR A 297 -14.76 -8.29 -24.82
N SER A 298 -13.75 -7.94 -24.03
CA SER A 298 -14.04 -7.46 -22.65
C SER A 298 -14.67 -6.09 -22.74
N ASN A 299 -15.44 -5.77 -21.72
CA ASN A 299 -16.11 -4.47 -21.66
C ASN A 299 -15.36 -3.39 -20.87
N THR A 300 -14.06 -3.63 -20.62
CA THR A 300 -13.18 -2.68 -19.94
C THR A 300 -11.96 -2.29 -20.77
N VAL A 301 -11.53 -3.19 -21.65
CA VAL A 301 -10.31 -3.00 -22.47
C VAL A 301 -10.47 -3.51 -23.90
N THR A 302 -10.05 -2.71 -24.87
CA THR A 302 -10.11 -3.10 -26.28
C THR A 302 -8.79 -2.78 -26.92
N GLY A 303 -8.20 -3.77 -27.57
CA GLY A 303 -6.96 -3.58 -28.30
C GLY A 303 -7.28 -3.27 -29.75
N VAL A 304 -6.55 -2.30 -30.31
CA VAL A 304 -6.85 -1.78 -31.63
C VAL A 304 -5.62 -1.97 -32.50
N ILE A 305 -5.74 -2.83 -33.50
CA ILE A 305 -4.62 -3.12 -34.42
C ILE A 305 -4.43 -2.00 -35.44
N LEU A 306 -3.18 -1.58 -35.60
CA LEU A 306 -2.79 -0.63 -36.61
C LEU A 306 -1.98 -1.34 -37.70
N LYS A 307 -2.34 -1.08 -38.96
CA LYS A 307 -1.64 -1.69 -40.10
C LYS A 307 -0.50 -0.82 -40.61
N VAL A 308 -0.63 0.49 -40.40
CA VAL A 308 0.31 1.46 -41.01
C VAL A 308 0.89 2.43 -39.97
N ALA A 309 0.02 3.14 -39.25
CA ALA A 309 0.48 4.08 -38.22
C ALA A 309 1.21 3.37 -37.07
N ASP A 310 2.14 4.10 -36.46
CA ASP A 310 2.89 3.64 -35.29
C ASP A 310 2.08 3.88 -33.99
N PRO A 311 1.71 2.80 -33.28
CA PRO A 311 0.95 2.89 -32.02
C PRO A 311 1.53 3.94 -31.08
N GLN A 312 2.85 4.04 -31.03
CA GLN A 312 3.52 4.98 -30.15
C GLN A 312 3.20 6.42 -30.49
N LYS A 313 3.02 6.70 -31.78
CA LYS A 313 2.64 8.05 -32.22
C LYS A 313 1.17 8.38 -31.95
N VAL A 314 0.31 7.37 -32.05
CA VAL A 314 -1.09 7.52 -31.63
C VAL A 314 -1.12 7.94 -30.16
N LEU A 315 -0.34 7.27 -29.31
CA LEU A 315 -0.31 7.57 -27.88
C LEU A 315 0.25 8.95 -27.57
N ALA A 316 1.32 9.32 -28.29
CA ALA A 316 1.99 10.60 -28.10
C ALA A 316 1.10 11.78 -28.46
N GLY A 317 0.28 11.61 -29.49
CA GLY A 317 -0.59 12.69 -29.94
C GLY A 317 -1.98 12.71 -29.35
N THR A 318 -2.23 11.87 -28.35
CA THR A 318 -3.55 11.83 -27.70
C THR A 318 -3.45 11.99 -26.18
N VAL A 319 -2.30 12.48 -25.71
CA VAL A 319 -1.97 12.59 -24.28
C VAL A 319 -2.89 13.55 -23.48
N ASN A 320 -3.18 14.73 -24.05
CA ASN A 320 -4.01 15.73 -23.39
CA ASN A 320 -4.02 15.73 -23.40
C ASN A 320 -5.48 15.69 -23.89
N GLU A 321 -5.87 14.57 -24.51
CA GLU A 321 -7.14 14.47 -25.21
C GLU A 321 -8.30 13.85 -24.42
N GLY A 322 -8.14 13.74 -23.10
CA GLY A 322 -9.23 13.28 -22.23
C GLY A 322 -9.66 11.83 -22.42
N VAL A 323 -8.75 10.99 -22.90
CA VAL A 323 -8.99 9.56 -23.14
C VAL A 323 -8.12 8.66 -22.24
N GLU A 324 -8.38 7.35 -22.21
CA GLU A 324 -7.55 6.40 -21.46
CA GLU A 324 -7.55 6.40 -21.46
C GLU A 324 -6.93 5.37 -22.42
N PHE A 325 -5.90 5.80 -23.14
CA PHE A 325 -5.17 4.94 -24.09
C PHE A 325 -3.84 4.49 -23.50
N ALA A 326 -3.43 3.27 -23.87
CA ALA A 326 -2.26 2.60 -23.32
C ALA A 326 -1.59 1.76 -24.40
N PRO A 327 -0.30 1.40 -24.21
CA PRO A 327 0.42 0.66 -25.26
C PRO A 327 -0.04 -0.78 -25.35
N GLY A 328 0.18 -1.37 -26.51
CA GLY A 328 -0.01 -2.78 -26.73
C GLY A 328 1.34 -3.45 -26.63
N VAL A 329 1.48 -4.33 -25.64
N VAL A 329 1.52 -4.38 -25.70
CA VAL A 329 2.72 -5.02 -25.37
CA VAL A 329 2.85 -4.95 -25.46
C VAL A 329 2.48 -6.52 -25.45
C VAL A 329 3.19 -6.27 -26.18
N HIS A 330 2.24 -6.97 -26.68
N HIS A 330 2.15 -7.01 -26.53
CA HIS A 330 2.28 -8.37 -27.05
CA HIS A 330 2.25 -8.37 -27.06
C HIS A 330 2.94 -8.40 -28.41
C HIS A 330 2.95 -8.38 -28.41
N PRO A 331 4.07 -9.12 -28.53
CA PRO A 331 4.87 -9.17 -29.76
C PRO A 331 4.08 -9.54 -31.02
N ALA A 332 3.04 -10.37 -30.86
CA ALA A 332 2.25 -10.86 -31.98
C ALA A 332 1.38 -9.80 -32.66
N PHE A 333 1.20 -8.63 -32.04
CA PHE A 333 0.33 -7.60 -32.62
C PHE A 333 0.98 -6.23 -32.57
N LYS A 334 0.60 -5.40 -33.53
CA LYS A 334 0.93 -3.99 -33.50
C LYS A 334 -0.37 -3.26 -33.15
N TYR A 335 -0.42 -2.68 -31.95
CA TYR A 335 -1.66 -2.11 -31.44
C TYR A 335 -1.48 -1.15 -30.27
N PHE A 336 -2.56 -0.44 -29.96
CA PHE A 336 -2.69 0.31 -28.71
C PHE A 336 -3.99 -0.18 -28.10
N ARG A 337 -4.24 0.20 -26.85
CA ARG A 337 -5.43 -0.26 -26.14
C ARG A 337 -6.26 0.92 -25.66
N ILE A 338 -7.58 0.71 -25.59
CA ILE A 338 -8.49 1.70 -25.03
C ILE A 338 -9.01 1.15 -23.72
N GLY A 339 -8.79 1.91 -22.65
CA GLY A 339 -9.41 1.59 -21.37
C GLY A 339 -10.77 2.29 -21.33
N HIS A 340 -11.81 1.53 -20.97
CA HIS A 340 -13.18 2.05 -20.84
C HIS A 340 -13.85 1.39 -19.63
N MET A 341 -13.51 1.88 -18.44
CA MET A 341 -13.97 1.25 -17.21
C MET A 341 -14.12 2.26 -16.09
N GLY A 342 -14.94 1.91 -15.11
CA GLY A 342 -15.12 2.74 -13.92
C GLY A 342 -16.35 3.62 -14.04
N TRP A 343 -16.12 4.92 -14.19
CA TRP A 343 -17.20 5.90 -14.25
C TRP A 343 -17.48 6.27 -15.71
N VAL A 344 -16.92 5.50 -16.65
CA VAL A 344 -17.05 5.78 -18.09
C VAL A 344 -18.52 5.96 -18.55
N THR A 345 -18.76 6.96 -19.41
CA THR A 345 -20.12 7.31 -19.86
C THR A 345 -20.23 7.21 -21.38
N PRO A 346 -21.46 7.32 -21.92
CA PRO A 346 -21.60 7.43 -23.37
C PRO A 346 -20.70 8.51 -24.00
N ASN A 347 -20.52 9.66 -23.34
CA ASN A 347 -19.67 10.70 -23.88
C ASN A 347 -18.23 10.25 -24.02
N ASP A 348 -17.76 9.41 -23.12
CA ASP A 348 -16.41 8.87 -23.25
C ASP A 348 -16.29 8.03 -24.52
N ALA A 349 -17.36 7.32 -24.89
CA ALA A 349 -17.34 6.52 -26.11
C ALA A 349 -17.17 7.41 -27.35
N ILE A 350 -18.02 8.44 -27.46
CA ILE A 350 -17.94 9.42 -28.54
CA ILE A 350 -17.94 9.42 -28.54
C ILE A 350 -16.55 10.05 -28.62
N ILE A 351 -16.03 10.51 -27.48
CA ILE A 351 -14.73 11.16 -27.45
CA ILE A 351 -14.73 11.16 -27.46
C ILE A 351 -13.62 10.22 -27.94
N ALA A 352 -13.59 9.00 -27.39
CA ALA A 352 -12.52 8.06 -27.76
C ALA A 352 -12.50 7.81 -29.26
N ILE A 353 -13.66 7.53 -29.85
CA ILE A 353 -13.70 7.24 -31.29
C ILE A 353 -13.37 8.51 -32.11
N SER A 354 -13.86 9.66 -31.67
CA SER A 354 -13.52 10.91 -32.36
C SER A 354 -12.02 11.20 -32.33
N VAL A 355 -11.42 11.08 -31.14
CA VAL A 355 -9.97 11.29 -30.99
C VAL A 355 -9.23 10.28 -31.87
N ILE A 356 -9.73 9.05 -31.93
CA ILE A 356 -9.09 8.04 -32.76
C ILE A 356 -9.18 8.42 -34.24
N GLU A 357 -10.35 8.81 -34.70
CA GLU A 357 -10.56 9.17 -36.12
C GLU A 357 -9.61 10.28 -36.54
N ARG A 358 -9.54 11.33 -35.72
CA ARG A 358 -8.76 12.52 -36.04
C ARG A 358 -7.25 12.26 -36.01
N THR A 359 -6.80 11.42 -35.07
CA THR A 359 -5.40 11.08 -34.93
C THR A 359 -4.93 10.19 -36.07
N LEU A 360 -5.70 9.15 -36.36
CA LEU A 360 -5.37 8.22 -37.44
C LEU A 360 -5.43 8.88 -38.81
N ARG A 361 -6.38 9.78 -39.04
CA ARG A 361 -6.45 10.51 -40.31
CA ARG A 361 -6.45 10.50 -40.30
C ARG A 361 -5.16 11.29 -40.50
N LYS A 362 -4.71 11.95 -39.43
CA LYS A 362 -3.47 12.73 -39.45
CA LYS A 362 -3.47 12.72 -39.47
C LYS A 362 -2.28 11.84 -39.79
N LEU A 363 -2.29 10.62 -39.28
CA LEU A 363 -1.14 9.71 -39.44
C LEU A 363 -1.25 8.71 -40.59
N GLY A 364 -2.31 8.81 -41.39
CA GLY A 364 -2.44 8.02 -42.59
C GLY A 364 -2.74 6.54 -42.38
N GLU A 365 -3.36 6.22 -41.25
CA GLU A 365 -3.87 4.88 -41.06
C GLU A 365 -5.16 4.80 -41.87
N PRO A 366 -5.24 3.84 -42.81
CA PRO A 366 -6.44 3.75 -43.64
C PRO A 366 -7.68 3.50 -42.75
N ILE A 367 -8.60 4.45 -42.77
CA ILE A 367 -9.87 4.37 -42.05
C ILE A 367 -10.98 5.01 -42.86
N ARG A 368 -12.23 4.70 -42.53
CA ARG A 368 -13.39 5.33 -43.14
CA ARG A 368 -13.38 5.33 -43.16
C ARG A 368 -13.76 6.55 -42.31
N PHE A 369 -13.07 7.66 -42.54
CA PHE A 369 -13.29 8.88 -41.72
C PHE A 369 -14.78 9.22 -41.65
N GLY A 370 -15.24 9.62 -40.46
CA GLY A 370 -16.65 9.97 -40.24
C GLY A 370 -17.52 8.81 -39.79
N GLU A 371 -17.22 7.60 -40.28
CA GLU A 371 -18.09 6.44 -40.04
C GLU A 371 -18.05 5.92 -38.61
N GLY A 372 -16.91 6.11 -37.94
CA GLY A 372 -16.78 5.68 -36.54
C GLY A 372 -17.76 6.41 -35.63
N VAL A 373 -17.72 7.74 -35.65
CA VAL A 373 -18.58 8.55 -34.78
C VAL A 373 -20.05 8.26 -35.01
N LYS A 374 -20.43 8.05 -36.27
CA LYS A 374 -21.82 7.75 -36.63
CA LYS A 374 -21.82 7.75 -36.63
C LYS A 374 -22.26 6.42 -36.02
N ALA A 375 -21.41 5.40 -36.15
CA ALA A 375 -21.74 4.08 -35.60
C ALA A 375 -21.89 4.14 -34.07
N VAL A 376 -21.03 4.91 -33.41
CA VAL A 376 -21.09 5.08 -31.94
C VAL A 376 -22.43 5.70 -31.56
N GLU A 377 -22.80 6.74 -32.31
CA GLU A 377 -24.05 7.49 -32.09
C GLU A 377 -25.24 6.56 -32.19
N GLU A 378 -25.21 5.71 -33.21
CA GLU A 378 -26.28 4.74 -33.45
CA GLU A 378 -26.28 4.76 -33.46
C GLU A 378 -26.45 3.84 -32.26
N VAL A 379 -25.34 3.26 -31.79
CA VAL A 379 -25.42 2.36 -30.64
C VAL A 379 -25.95 3.07 -29.38
N LEU A 380 -25.43 4.25 -29.11
CA LEU A 380 -25.87 5.03 -27.93
C LEU A 380 -27.34 5.43 -28.04
N PHE A 381 -27.80 5.73 -29.25
CA PHE A 381 -29.22 6.02 -29.45
C PHE A 381 -30.08 4.79 -29.16
N SER A 382 -29.68 3.63 -29.67
CA SER A 382 -30.48 2.40 -29.58
C SER A 382 -30.47 1.73 -28.19
N ALA A 383 -29.90 2.41 -27.19
CA ALA A 383 -29.82 1.90 -25.83
C ALA A 383 -29.88 3.02 -24.81
N LEU B 5 -12.87 -0.52 23.65
CA LEU B 5 -12.36 0.06 22.37
C LEU B 5 -10.85 0.33 22.43
N LEU B 6 -10.22 0.39 21.26
CA LEU B 6 -8.83 0.79 21.11
C LEU B 6 -8.76 2.21 20.52
N HIS B 7 -7.94 3.08 21.13
CA HIS B 7 -7.76 4.45 20.64
CA HIS B 7 -7.73 4.40 20.54
C HIS B 7 -6.28 4.87 20.58
N VAL B 8 -5.72 4.91 19.37
CA VAL B 8 -4.37 5.39 19.13
C VAL B 8 -4.48 6.76 18.45
N GLY B 9 -3.78 7.75 19.00
CA GLY B 9 -3.80 9.11 18.44
C GLY B 9 -3.19 9.20 17.06
N PRO B 10 -3.91 9.85 16.11
CA PRO B 10 -3.42 10.02 14.73
C PRO B 10 -2.54 11.27 14.56
N THR B 11 -1.41 11.12 13.87
CA THR B 11 -0.56 12.27 13.54
C THR B 11 -1.37 13.22 12.65
N THR B 12 -1.52 14.47 13.10
CA THR B 12 -2.23 15.52 12.35
C THR B 12 -1.49 15.84 11.06
N ILE B 13 -2.24 15.89 9.96
CA ILE B 13 -1.67 16.17 8.65
C ILE B 13 -2.05 17.59 8.22
N LYS B 14 -1.06 18.39 7.84
CA LYS B 14 -1.34 19.70 7.27
C LYS B 14 -2.29 19.50 6.11
N GLU B 15 -3.30 20.36 6.02
CA GLU B 15 -4.28 20.29 4.95
CA GLU B 15 -4.30 20.34 4.95
C GLU B 15 -3.64 20.38 3.58
N ASP B 16 -2.65 21.26 3.42
CA ASP B 16 -1.87 21.37 2.18
C ASP B 16 -1.34 20.02 1.72
N VAL B 17 -0.89 19.20 2.65
CA VAL B 17 -0.40 17.85 2.32
C VAL B 17 -1.53 17.01 1.69
N LEU B 18 -2.67 16.94 2.38
CA LEU B 18 -3.80 16.17 1.89
C LEU B 18 -4.33 16.67 0.55
N VAL B 19 -4.49 17.97 0.46
CA VAL B 19 -5.05 18.62 -0.71
C VAL B 19 -4.21 18.39 -1.95
N ALA B 20 -2.89 18.18 -1.77
CA ALA B 20 -2.01 17.83 -2.91
C ALA B 20 -2.42 16.51 -3.61
N GLY B 21 -3.18 15.67 -2.93
CA GLY B 21 -3.68 14.45 -3.53
C GLY B 21 -4.91 14.57 -4.42
N LEU B 22 -5.50 15.78 -4.52
CA LEU B 22 -6.73 15.94 -5.31
C LEU B 22 -6.52 16.25 -6.80
N GLU B 23 -5.77 15.40 -7.49
CA GLU B 23 -5.59 15.53 -8.93
C GLU B 23 -6.22 14.27 -9.53
N ASN B 24 -7.34 14.40 -10.24
CA ASN B 24 -8.14 13.20 -10.58
C ASN B 24 -7.85 12.46 -11.91
N ASN B 25 -6.80 12.91 -12.61
CA ASN B 25 -6.42 12.27 -13.87
CA ASN B 25 -6.40 12.36 -13.89
C ASN B 25 -4.92 11.97 -13.94
N VAL B 26 -4.40 11.55 -12.79
CA VAL B 26 -2.98 11.22 -12.61
C VAL B 26 -2.80 9.71 -12.43
N GLY B 27 -1.85 9.13 -13.17
CA GLY B 27 -1.56 7.70 -13.07
C GLY B 27 -0.08 7.56 -12.95
N PHE B 28 0.41 6.33 -12.84
CA PHE B 28 1.84 6.09 -12.64
C PHE B 28 2.75 6.55 -13.81
N THR B 29 2.19 6.80 -14.99
CA THR B 29 2.96 7.30 -16.15
C THR B 29 2.86 8.82 -16.37
N SER B 30 1.96 9.48 -15.63
CA SER B 30 1.78 10.94 -15.70
C SER B 30 3.07 11.64 -15.30
N LYS B 31 3.40 12.72 -16.01
CA LYS B 31 4.59 13.50 -15.71
C LYS B 31 4.52 14.05 -14.26
N GLU B 32 3.30 14.40 -13.82
CA GLU B 32 3.08 14.88 -12.46
C GLU B 32 3.44 13.81 -11.44
N PHE B 33 3.05 12.56 -11.69
CA PHE B 33 3.41 11.48 -10.79
C PHE B 33 4.93 11.25 -10.76
N VAL B 34 5.54 11.13 -11.94
CA VAL B 34 6.98 10.86 -12.02
C VAL B 34 7.77 11.94 -11.27
N GLU B 35 7.39 13.19 -11.48
CA GLU B 35 8.01 14.33 -10.80
C GLU B 35 7.82 14.27 -9.28
N ALA B 36 6.64 13.89 -8.81
CA ALA B 36 6.40 13.78 -7.36
C ALA B 36 7.24 12.66 -6.75
N LEU B 37 7.32 11.53 -7.45
CA LEU B 37 8.15 10.41 -6.98
C LEU B 37 9.62 10.83 -6.94
N ALA B 38 10.16 11.37 -8.04
CA ALA B 38 11.56 11.86 -8.07
C ALA B 38 11.86 12.86 -6.94
N TYR B 39 10.93 13.80 -6.73
CA TYR B 39 11.03 14.76 -5.63
C TYR B 39 11.06 14.13 -4.25
N SER B 40 10.15 13.17 -4.02
CA SER B 40 10.08 12.43 -2.77
C SER B 40 11.35 11.61 -2.55
N LEU B 41 11.87 10.99 -3.60
CA LEU B 41 13.11 10.23 -3.50
C LEU B 41 14.29 11.11 -3.02
N LYS B 42 14.44 12.30 -3.61
CA LYS B 42 15.43 13.27 -3.16
C LYS B 42 15.12 13.74 -1.74
N GLY B 43 13.83 13.93 -1.44
CA GLY B 43 13.43 14.38 -0.11
C GLY B 43 13.89 13.38 0.93
N LEU B 44 13.83 12.10 0.57
CA LEU B 44 14.24 11.02 1.46
C LEU B 44 15.76 11.06 1.71
N ARG B 45 16.56 11.29 0.66
CA ARG B 45 18.02 11.49 0.88
C ARG B 45 18.26 12.64 1.84
N TYR B 46 17.50 13.71 1.68
CA TYR B 46 17.66 14.93 2.47
C TYR B 46 17.37 14.71 3.96
N VAL B 47 16.20 14.17 4.28
CA VAL B 47 15.86 13.93 5.69
C VAL B 47 16.74 12.88 6.35
N MET B 48 17.37 12.02 5.55
CA MET B 48 18.20 10.98 6.14
C MET B 48 19.69 11.27 6.12
N GLY B 49 20.07 12.40 5.54
CA GLY B 49 21.46 12.83 5.50
C GLY B 49 22.32 11.88 4.68
N ALA B 50 22.15 11.94 3.36
CA ALA B 50 22.91 11.09 2.47
C ALA B 50 23.04 11.72 1.11
N SER B 51 24.15 11.40 0.44
CA SER B 51 24.45 11.87 -0.91
C SER B 51 23.84 10.93 -1.94
N LYS B 52 24.00 11.29 -3.21
CA LYS B 52 23.45 10.55 -4.35
C LYS B 52 23.95 9.11 -4.49
N ASN B 53 24.99 8.73 -3.73
CA ASN B 53 25.48 7.35 -3.70
C ASN B 53 24.52 6.40 -2.98
N TYR B 54 23.65 6.96 -2.14
CA TYR B 54 22.67 6.17 -1.44
C TYR B 54 21.39 6.12 -2.27
N GLN B 55 20.77 4.94 -2.34
CA GLN B 55 19.59 4.72 -3.19
C GLN B 55 18.27 4.73 -2.39
N PRO B 56 17.40 5.72 -2.63
CA PRO B 56 16.07 5.72 -2.00
C PRO B 56 15.05 4.84 -2.72
N LEU B 57 14.15 4.21 -1.96
CA LEU B 57 12.98 3.53 -2.55
C LEU B 57 11.76 3.86 -1.72
N ILE B 58 10.64 3.98 -2.42
CA ILE B 58 9.36 4.24 -1.83
C ILE B 58 8.44 3.13 -2.32
N ILE B 59 7.93 2.33 -1.39
CA ILE B 59 7.15 1.15 -1.73
C ILE B 59 5.76 1.20 -1.06
N PRO B 60 4.81 0.42 -1.55
CA PRO B 60 3.50 0.41 -0.92
C PRO B 60 3.54 -0.22 0.48
N GLY B 61 2.64 0.23 1.36
CA GLY B 61 2.46 -0.37 2.67
C GLY B 61 2.77 0.59 3.79
N GLY B 62 3.86 0.34 4.49
CA GLY B 62 4.23 1.20 5.63
C GLY B 62 5.56 0.77 6.21
N GLY B 63 5.79 1.10 7.48
CA GLY B 63 7.03 0.68 8.15
C GLY B 63 7.20 -0.83 8.08
N THR B 64 6.09 -1.57 8.21
CA THR B 64 6.15 -3.03 8.27
C THR B 64 6.55 -3.66 6.93
N SER B 65 5.99 -3.15 5.82
CA SER B 65 6.38 -3.67 4.51
C SER B 65 7.84 -3.31 4.25
N ALA B 66 8.24 -2.09 4.62
CA ALA B 66 9.66 -1.67 4.51
C ALA B 66 10.57 -2.62 5.30
N MET B 67 10.25 -2.87 6.56
CA MET B 67 11.01 -3.84 7.35
C MET B 67 11.10 -5.21 6.63
N GLU B 68 9.98 -5.77 6.19
CA GLU B 68 10.02 -7.09 5.56
C GLU B 68 10.87 -7.07 4.28
N SER B 69 10.84 -5.97 3.54
CA SER B 69 11.60 -5.89 2.30
C SER B 69 13.11 -6.03 2.49
N VAL B 70 13.56 -5.97 3.75
CA VAL B 70 14.99 -6.16 4.07
C VAL B 70 15.43 -7.61 3.77
N THR B 71 14.50 -8.55 3.81
CA THR B 71 14.76 -9.93 3.31
C THR B 71 15.34 -9.96 1.87
N SER B 72 15.20 -8.85 1.13
CA SER B 72 15.78 -8.73 -0.21
C SER B 72 17.31 -8.79 -0.16
N LEU B 73 17.85 -8.65 1.05
CA LEU B 73 19.30 -8.58 1.24
C LEU B 73 19.85 -9.84 1.89
N LEU B 74 18.97 -10.84 2.06
CA LEU B 74 19.32 -12.03 2.84
C LEU B 74 19.32 -13.32 2.01
N LYS B 75 20.04 -14.32 2.51
CA LYS B 75 20.13 -15.65 1.89
C LYS B 75 19.78 -16.73 2.89
N PRO B 76 19.39 -17.95 2.43
CA PRO B 76 18.99 -18.91 3.45
C PRO B 76 20.10 -19.13 4.50
N ASN B 77 19.69 -19.29 5.76
CA ASN B 77 20.59 -19.51 6.90
CA ASN B 77 20.58 -19.52 6.90
C ASN B 77 21.45 -18.32 7.33
N ASP B 78 21.23 -17.14 6.73
CA ASP B 78 21.91 -15.92 7.20
C ASP B 78 21.62 -15.69 8.69
N LYS B 79 22.62 -15.14 9.37
CA LYS B 79 22.50 -14.85 10.80
C LYS B 79 22.14 -13.40 11.07
N ILE B 80 21.07 -13.22 11.83
CA ILE B 80 20.52 -11.89 12.16
C ILE B 80 20.51 -11.60 13.66
N LEU B 81 21.00 -10.42 14.04
CA LEU B 81 20.87 -9.95 15.43
C LEU B 81 19.92 -8.77 15.48
N VAL B 82 18.85 -8.96 16.26
CA VAL B 82 17.87 -7.91 16.49
C VAL B 82 18.13 -7.30 17.88
N VAL B 83 18.35 -5.98 17.91
CA VAL B 83 18.45 -5.22 19.16
C VAL B 83 17.08 -4.61 19.45
N SER B 84 16.31 -5.27 20.32
CA SER B 84 14.92 -4.89 20.53
C SER B 84 14.62 -4.28 21.89
N ASN B 85 14.18 -3.03 21.87
CA ASN B 85 13.75 -2.30 23.07
C ASN B 85 12.27 -2.41 23.41
N GLY B 86 11.51 -3.10 22.56
CA GLY B 86 10.11 -3.38 22.84
C GLY B 86 9.35 -3.89 21.62
N VAL B 87 8.08 -3.51 21.51
CA VAL B 87 7.16 -4.02 20.50
C VAL B 87 7.71 -3.96 19.07
N PHE B 88 8.22 -2.80 18.68
CA PHE B 88 8.63 -2.66 17.29
C PHE B 88 10.00 -3.29 16.98
N GLY B 89 10.88 -3.35 17.96
CA GLY B 89 12.04 -4.24 17.84
C GLY B 89 11.60 -5.69 17.69
N ASP B 90 10.62 -6.10 18.48
CA ASP B 90 10.16 -7.49 18.44
C ASP B 90 9.52 -7.85 17.10
N ARG B 91 8.96 -6.85 16.42
CA ARG B 91 8.38 -7.08 15.09
C ARG B 91 9.44 -7.60 14.08
N TRP B 92 10.70 -7.18 14.20
CA TRP B 92 11.74 -7.75 13.34
C TRP B 92 11.75 -9.28 13.47
N GLU B 93 11.72 -9.76 14.71
CA GLU B 93 11.73 -11.20 14.98
C GLU B 93 10.50 -11.91 14.42
N GLN B 94 9.32 -11.30 14.58
CA GLN B 94 8.08 -11.87 14.05
C GLN B 94 8.16 -11.96 12.50
N ILE B 95 8.70 -10.92 11.87
CA ILE B 95 8.88 -10.93 10.41
C ILE B 95 9.85 -12.07 10.00
N PHE B 96 11.00 -12.12 10.66
CA PHE B 96 12.01 -13.09 10.27
C PHE B 96 11.65 -14.56 10.53
N LYS B 97 10.70 -14.82 11.43
CA LYS B 97 10.16 -16.18 11.57
C LYS B 97 9.54 -16.74 10.30
N ARG B 98 9.16 -15.86 9.38
CA ARG B 98 8.56 -16.31 8.13
C ARG B 98 9.59 -16.69 7.07
N TYR B 99 10.88 -16.57 7.44
CA TYR B 99 12.00 -16.73 6.49
C TYR B 99 13.04 -17.72 7.03
N PRO B 100 13.76 -18.40 6.12
CA PRO B 100 14.77 -19.41 6.54
C PRO B 100 16.06 -18.73 7.00
N VAL B 101 15.97 -18.03 8.14
CA VAL B 101 17.11 -17.28 8.66
C VAL B 101 17.25 -17.57 10.16
N ASN B 102 18.42 -17.24 10.69
CA ASN B 102 18.73 -17.50 12.11
C ASN B 102 18.76 -16.19 12.90
N VAL B 103 17.85 -16.09 13.86
CA VAL B 103 17.66 -14.83 14.58
C VAL B 103 18.05 -14.91 16.06
N LYS B 104 18.92 -14.00 16.49
CA LYS B 104 19.10 -13.80 17.92
C LYS B 104 18.62 -12.39 18.31
N VAL B 105 17.87 -12.29 19.40
CA VAL B 105 17.37 -11.01 19.93
C VAL B 105 18.01 -10.62 21.29
N LEU B 106 18.61 -9.42 21.35
CA LEU B 106 18.98 -8.80 22.62
C LEU B 106 17.88 -7.87 23.09
N ARG B 107 17.47 -8.00 24.35
CA ARG B 107 16.50 -7.10 24.98
C ARG B 107 17.06 -6.52 26.29
N PRO B 108 16.74 -5.24 26.62
CA PRO B 108 17.15 -4.67 27.91
C PRO B 108 16.05 -4.85 28.98
N SER B 109 16.26 -4.28 30.17
CA SER B 109 15.20 -4.25 31.20
CA SER B 109 15.20 -4.25 31.20
C SER B 109 14.02 -3.43 30.68
N PRO B 110 12.79 -3.69 31.19
CA PRO B 110 11.70 -2.91 30.58
C PRO B 110 11.96 -1.38 30.59
N GLY B 111 11.74 -0.72 29.46
CA GLY B 111 11.86 0.71 29.40
C GLY B 111 13.27 1.24 29.31
N ASP B 112 14.24 0.32 29.30
CA ASP B 112 15.65 0.69 29.14
C ASP B 112 16.01 0.52 27.66
N TYR B 113 17.29 0.58 27.34
CA TYR B 113 17.76 0.31 26.00
C TYR B 113 19.08 -0.48 26.06
N VAL B 114 19.34 -1.25 25.01
CA VAL B 114 20.53 -2.08 24.92
C VAL B 114 21.75 -1.19 24.70
N LYS B 115 22.71 -1.26 25.62
CA LYS B 115 23.89 -0.40 25.53
C LYS B 115 24.72 -0.81 24.34
N PRO B 116 25.45 0.14 23.74
CA PRO B 116 26.33 -0.11 22.62
C PRO B 116 27.34 -1.23 22.94
N GLY B 117 27.84 -1.28 24.17
CA GLY B 117 28.80 -2.29 24.60
C GLY B 117 28.26 -3.69 24.55
N GLU B 118 26.98 -3.83 24.93
CA GLU B 118 26.29 -5.12 24.93
CA GLU B 118 26.29 -5.12 24.94
C GLU B 118 26.13 -5.66 23.51
N VAL B 119 25.81 -4.78 22.57
CA VAL B 119 25.73 -5.17 21.15
C VAL B 119 27.12 -5.54 20.62
N GLU B 120 28.12 -4.70 20.90
CA GLU B 120 29.51 -4.94 20.50
C GLU B 120 29.99 -6.31 20.98
N GLU B 121 29.72 -6.60 22.25
CA GLU B 121 30.06 -7.90 22.80
C GLU B 121 29.45 -9.05 22.00
N GLU B 122 28.20 -8.90 21.59
CA GLU B 122 27.51 -9.98 20.88
C GLU B 122 28.02 -10.17 19.45
N VAL B 123 28.32 -9.08 18.76
CA VAL B 123 28.80 -9.18 17.38
C VAL B 123 30.26 -9.64 17.27
N ARG B 124 30.99 -9.61 18.38
CA ARG B 124 32.36 -10.12 18.41
C ARG B 124 32.37 -11.60 18.75
N LYS B 125 31.38 -12.03 19.53
CA LYS B 125 31.17 -13.42 19.91
C LYS B 125 30.67 -14.29 18.75
N SER B 126 29.70 -13.78 17.96
CA SER B 126 29.22 -14.47 16.75
C SER B 126 29.21 -13.58 15.53
N GLU B 127 29.38 -14.20 14.37
CA GLU B 127 29.39 -13.46 13.12
C GLU B 127 27.93 -13.32 12.63
N TYR B 128 27.53 -12.07 12.38
CA TYR B 128 26.17 -11.75 11.90
C TYR B 128 26.21 -11.11 10.52
N LYS B 129 25.32 -11.59 9.66
CA LYS B 129 25.10 -10.96 8.36
C LYS B 129 24.43 -9.57 8.56
N LEU B 130 23.44 -9.52 9.44
CA LEU B 130 22.60 -8.33 9.59
C LEU B 130 22.34 -7.97 11.06
N VAL B 131 22.49 -6.70 11.40
CA VAL B 131 22.03 -6.22 12.71
C VAL B 131 20.88 -5.22 12.53
N ALA B 132 19.77 -5.47 13.24
CA ALA B 132 18.59 -4.59 13.19
C ALA B 132 18.48 -3.77 14.47
N LEU B 133 18.35 -2.45 14.29
CA LEU B 133 18.12 -1.51 15.38
C LEU B 133 16.79 -0.78 15.20
N THR B 134 16.24 -0.28 16.31
CA THR B 134 15.06 0.59 16.30
C THR B 134 15.50 1.94 16.82
N HIS B 135 15.46 2.98 16.00
CA HIS B 135 15.94 4.30 16.41
C HIS B 135 15.14 4.83 17.60
N VAL B 136 13.81 4.87 17.45
CA VAL B 136 12.92 5.16 18.57
C VAL B 136 11.91 4.05 18.70
N GLU B 137 11.82 3.47 19.89
CA GLU B 137 10.86 2.41 20.19
C GLU B 137 9.57 3.05 20.64
N THR B 138 8.59 3.00 19.74
CA THR B 138 7.33 3.70 19.88
C THR B 138 6.56 3.26 21.12
N SER B 139 6.67 1.99 21.50
CA SER B 139 5.88 1.46 22.60
C SER B 139 6.34 2.00 23.96
N THR B 140 7.57 2.51 24.04
CA THR B 140 8.12 2.98 25.32
C THR B 140 8.67 4.41 25.27
N GLY B 141 8.86 4.95 24.07
CA GLY B 141 9.42 6.28 23.90
C GLY B 141 10.91 6.37 24.10
N VAL B 142 11.58 5.24 23.92
CA VAL B 142 13.01 5.15 24.15
C VAL B 142 13.82 5.24 22.86
N ARG B 143 14.72 6.21 22.80
CA ARG B 143 15.59 6.38 21.65
C ARG B 143 16.92 5.63 21.88
N GLU B 144 17.25 4.74 20.95
CA GLU B 144 18.51 4.00 20.97
C GLU B 144 19.65 4.87 20.43
N PRO B 145 20.83 4.87 21.11
CA PRO B 145 21.96 5.64 20.60
C PRO B 145 22.58 4.91 19.43
N VAL B 146 21.90 5.02 18.30
CA VAL B 146 22.25 4.23 17.13
CA VAL B 146 22.21 4.29 17.07
C VAL B 146 23.64 4.54 16.60
N LYS B 147 24.02 5.82 16.61
CA LYS B 147 25.35 6.23 16.20
C LYS B 147 26.43 5.53 17.03
N ASP B 148 26.25 5.52 18.35
CA ASP B 148 27.24 4.91 19.25
C ASP B 148 27.31 3.42 19.00
N VAL B 149 26.14 2.78 18.89
CA VAL B 149 26.05 1.34 18.60
C VAL B 149 26.84 0.98 17.33
N ILE B 150 26.59 1.73 16.25
CA ILE B 150 27.20 1.45 14.97
C ILE B 150 28.72 1.65 15.00
N ASN B 151 29.18 2.75 15.60
CA ASN B 151 30.61 3.00 15.74
CA ASN B 151 30.61 2.98 15.72
C ASN B 151 31.32 1.76 16.32
N LYS B 152 30.69 1.12 17.29
CA LYS B 152 31.26 -0.06 17.91
C LYS B 152 31.14 -1.34 17.06
N ILE B 153 30.07 -1.51 16.30
CA ILE B 153 29.82 -2.79 15.62
C ILE B 153 30.16 -2.81 14.13
N ARG B 154 30.37 -1.64 13.53
CA ARG B 154 30.48 -1.52 12.07
C ARG B 154 31.44 -2.54 11.43
N LYS B 155 32.63 -2.74 12.01
CA LYS B 155 33.61 -3.64 11.40
C LYS B 155 33.35 -5.15 11.61
N TYR B 156 32.38 -5.49 12.44
CA TYR B 156 32.11 -6.91 12.74
C TYR B 156 30.87 -7.47 12.05
N VAL B 157 30.16 -6.63 11.30
CA VAL B 157 28.89 -7.07 10.70
C VAL B 157 28.80 -6.61 9.28
N GLU B 158 28.21 -7.44 8.44
CA GLU B 158 28.08 -7.11 7.02
CA GLU B 158 28.14 -7.07 7.04
C GLU B 158 27.04 -6.02 6.77
N LEU B 159 25.88 -6.15 7.43
CA LEU B 159 24.79 -5.18 7.20
C LEU B 159 24.18 -4.65 8.49
N ILE B 160 23.89 -3.35 8.49
CA ILE B 160 23.16 -2.70 9.57
C ILE B 160 21.87 -2.01 9.05
N VAL B 161 20.74 -2.40 9.64
CA VAL B 161 19.46 -1.79 9.32
CA VAL B 161 19.46 -1.78 9.32
C VAL B 161 18.88 -1.07 10.53
N VAL B 162 18.31 0.12 10.29
CA VAL B 162 17.69 0.93 11.36
C VAL B 162 16.24 1.24 11.01
N ASP B 163 15.31 0.78 11.85
CA ASP B 163 13.92 1.23 11.81
C ASP B 163 13.80 2.66 12.41
N GLY B 164 13.61 3.64 11.53
CA GLY B 164 13.41 5.04 11.91
C GLY B 164 11.97 5.54 11.73
N VAL B 165 11.01 4.63 11.81
CA VAL B 165 9.60 5.02 11.65
C VAL B 165 9.21 6.19 12.58
N SER B 166 9.61 6.10 13.85
CA SER B 166 9.37 7.17 14.81
C SER B 166 10.53 8.12 15.04
N SER B 167 11.46 8.24 14.08
CA SER B 167 12.59 9.16 14.25
C SER B 167 12.85 10.02 13.04
N VAL B 168 12.66 9.47 11.85
CA VAL B 168 13.09 10.16 10.63
C VAL B 168 12.18 11.37 10.42
N GLY B 169 12.80 12.52 10.17
CA GLY B 169 12.13 13.83 10.13
C GLY B 169 11.98 14.54 11.47
N ALA B 170 12.40 13.91 12.57
CA ALA B 170 12.27 14.49 13.92
C ALA B 170 13.54 14.42 14.79
N GLU B 171 14.24 13.29 14.73
CA GLU B 171 15.52 13.11 15.41
C GLU B 171 16.59 13.26 14.35
N GLU B 172 17.80 13.58 14.80
CA GLU B 172 18.95 13.62 13.91
C GLU B 172 19.16 12.24 13.34
N VAL B 173 19.29 12.20 12.01
CA VAL B 173 19.59 10.97 11.30
C VAL B 173 20.70 11.28 10.31
N LYS B 174 21.77 10.48 10.33
CA LYS B 174 22.85 10.65 9.37
C LYS B 174 23.18 9.29 8.77
N ALA B 175 22.39 8.84 7.78
CA ALA B 175 22.54 7.48 7.28
C ALA B 175 23.93 7.23 6.69
N GLU B 176 24.44 8.20 5.93
CA GLU B 176 25.72 8.05 5.25
C GLU B 176 26.88 8.17 6.23
N GLU B 177 26.92 9.29 6.96
CA GLU B 177 27.98 9.51 7.94
C GLU B 177 28.09 8.35 8.94
N TRP B 178 26.95 7.86 9.44
CA TRP B 178 26.93 6.71 10.37
C TRP B 178 27.12 5.34 9.70
N ASN B 179 27.15 5.31 8.37
CA ASN B 179 27.35 4.05 7.62
C ASN B 179 26.27 3.00 7.92
N VAL B 180 25.01 3.38 7.69
CA VAL B 180 23.90 2.46 7.86
C VAL B 180 23.64 1.84 6.48
N ASP B 181 23.28 0.58 6.44
CA ASP B 181 22.98 -0.02 5.13
C ASP B 181 21.54 0.11 4.63
N VAL B 182 20.59 0.06 5.56
CA VAL B 182 19.19 0.37 5.25
C VAL B 182 18.66 1.25 6.37
N TYR B 183 18.23 2.45 6.03
CA TYR B 183 17.52 3.29 6.98
C TYR B 183 16.09 3.38 6.47
N LEU B 184 15.12 3.03 7.30
CA LEU B 184 13.77 2.98 6.77
C LEU B 184 12.78 3.74 7.66
N THR B 185 11.67 4.16 7.05
CA THR B 185 10.61 4.81 7.77
C THR B 185 9.28 4.56 7.05
N ALA B 186 8.22 5.25 7.50
CA ALA B 186 6.92 5.17 6.88
C ALA B 186 6.44 6.61 6.57
N SER B 187 5.37 6.76 5.80
CA SER B 187 4.95 8.11 5.43
C SER B 187 4.15 8.84 6.53
N GLN B 188 3.55 8.10 7.45
CA GLN B 188 2.52 8.67 8.32
C GLN B 188 2.96 9.08 9.73
N LYS B 189 4.25 8.99 10.05
CA LYS B 189 4.66 9.29 11.43
C LYS B 189 5.36 10.66 11.50
N ALA B 190 6.65 10.66 11.81
CA ALA B 190 7.39 11.92 11.99
C ALA B 190 7.50 12.74 10.71
N LEU B 191 7.28 12.10 9.56
CA LEU B 191 7.20 12.85 8.29
C LEU B 191 5.85 13.58 8.13
N GLY B 192 4.81 13.11 8.84
CA GLY B 192 3.50 13.79 8.85
C GLY B 192 2.69 13.79 7.56
N SER B 193 2.88 12.78 6.71
CA SER B 193 2.11 12.68 5.48
C SER B 193 1.01 11.61 5.60
N ALA B 194 0.29 11.35 4.52
CA ALA B 194 -0.77 10.32 4.54
C ALA B 194 -0.18 8.90 4.52
N ALA B 195 -0.88 7.98 5.19
CA ALA B 195 -0.46 6.57 5.31
C ALA B 195 -0.52 5.87 3.95
N GLY B 196 0.33 4.84 3.79
CA GLY B 196 0.27 3.98 2.61
C GLY B 196 1.62 3.60 2.02
N LEU B 197 2.71 4.19 2.52
CA LEU B 197 4.04 4.01 1.93
C LEU B 197 5.11 3.64 2.95
N GLY B 198 5.98 2.69 2.55
CA GLY B 198 7.23 2.44 3.23
C GLY B 198 8.36 3.13 2.49
N LEU B 199 9.38 3.55 3.22
CA LEU B 199 10.46 4.35 2.61
C LEU B 199 11.79 3.81 3.09
N LEU B 200 12.74 3.66 2.16
CA LEU B 200 14.02 2.99 2.44
C LEU B 200 15.15 3.75 1.77
N LEU B 201 16.29 3.78 2.45
CA LEU B 201 17.52 4.36 1.91
C LEU B 201 18.64 3.33 2.08
N LEU B 202 19.20 2.92 0.95
CA LEU B 202 20.17 1.82 0.91
C LEU B 202 21.57 2.33 0.61
N SER B 203 22.55 1.75 1.30
CA SER B 203 23.96 2.06 1.03
C SER B 203 24.41 1.47 -0.31
N PRO B 204 25.56 1.93 -0.85
CA PRO B 204 26.12 1.22 -2.00
C PRO B 204 26.33 -0.27 -1.72
N LYS B 205 26.75 -0.63 -0.52
CA LYS B 205 26.88 -2.05 -0.19
C LYS B 205 25.56 -2.82 -0.31
N ALA B 206 24.48 -2.30 0.26
CA ALA B 206 23.18 -2.97 0.14
C ALA B 206 22.73 -3.02 -1.32
N LEU B 207 22.96 -1.95 -2.06
CA LEU B 207 22.60 -1.89 -3.47
C LEU B 207 23.34 -2.94 -4.34
N SER B 208 24.61 -3.21 -4.04
CA SER B 208 25.37 -4.24 -4.75
CA SER B 208 25.36 -4.23 -4.78
C SER B 208 24.76 -5.61 -4.51
N ILE B 209 24.32 -5.86 -3.28
CA ILE B 209 23.63 -7.12 -3.03
C ILE B 209 22.41 -7.26 -3.96
N LEU B 210 21.60 -6.20 -4.04
CA LEU B 210 20.43 -6.22 -4.94
C LEU B 210 20.81 -6.50 -6.38
N ASP B 211 21.86 -5.83 -6.85
CA ASP B 211 22.23 -5.85 -8.26
C ASP B 211 22.93 -7.14 -8.70
N SER B 212 23.50 -7.87 -7.74
CA SER B 212 24.38 -8.97 -8.10
C SER B 212 24.05 -10.34 -7.47
N GLN B 213 23.14 -10.37 -6.50
CA GLN B 213 22.83 -11.62 -5.78
CA GLN B 213 22.82 -11.60 -5.74
C GLN B 213 21.33 -11.96 -5.79
N ASN B 214 21.01 -13.23 -5.54
CA ASN B 214 19.64 -13.69 -5.32
C ASN B 214 19.24 -13.45 -3.85
N SER B 215 17.97 -13.70 -3.48
CA SER B 215 17.57 -13.48 -2.09
C SER B 215 16.41 -14.34 -1.75
N ILE B 216 16.00 -14.31 -0.49
CA ILE B 216 14.86 -15.10 0.00
C ILE B 216 13.54 -14.30 -0.04
N ALA B 217 13.58 -13.10 -0.64
CA ALA B 217 12.39 -12.21 -0.70
C ALA B 217 11.26 -12.87 -1.49
N GLY B 218 10.03 -12.46 -1.18
CA GLY B 218 8.87 -12.83 -2.01
C GLY B 218 8.89 -12.03 -3.31
N TYR B 219 7.72 -11.72 -3.83
CA TYR B 219 7.65 -10.99 -5.10
C TYR B 219 7.44 -9.47 -4.88
N TYR B 220 6.33 -9.12 -4.24
CA TYR B 220 5.95 -7.71 -4.02
C TYR B 220 6.96 -6.92 -3.20
N LEU B 221 7.61 -7.59 -2.24
CA LEU B 221 8.53 -6.91 -1.36
C LEU B 221 10.02 -7.13 -1.69
N ASP B 222 10.31 -7.61 -2.89
CA ASP B 222 11.67 -7.71 -3.36
C ASP B 222 12.03 -6.36 -3.93
N LEU B 223 12.91 -5.64 -3.23
CA LEU B 223 13.35 -4.31 -3.62
C LEU B 223 13.91 -4.29 -5.04
N ARG B 224 14.40 -5.43 -5.54
CA ARG B 224 14.83 -5.53 -6.95
C ARG B 224 13.73 -5.15 -7.92
N ASN B 225 12.49 -5.53 -7.61
CA ASN B 225 11.38 -5.27 -8.50
C ASN B 225 10.98 -3.78 -8.54
N TRP B 226 11.26 -3.08 -7.44
CA TRP B 226 10.96 -1.64 -7.33
C TRP B 226 12.09 -0.74 -7.84
N LEU B 227 13.33 -1.24 -7.81
CA LEU B 227 14.49 -0.45 -8.29
C LEU B 227 14.31 0.22 -9.65
N PRO B 228 13.84 -0.53 -10.69
CA PRO B 228 13.73 0.15 -11.97
C PRO B 228 12.72 1.33 -11.93
N VAL B 229 11.69 1.23 -11.07
CA VAL B 229 10.71 2.30 -10.96
C VAL B 229 11.36 3.54 -10.36
N MET B 230 12.17 3.35 -9.31
CA MET B 230 12.85 4.45 -8.60
C MET B 230 13.94 5.11 -9.44
N ARG B 231 14.79 4.28 -10.05
CA ARG B 231 15.82 4.76 -11.00
C ARG B 231 15.20 5.48 -12.19
N GLY B 232 14.16 4.89 -12.78
CA GLY B 232 13.44 5.54 -13.89
C GLY B 232 12.95 6.93 -13.52
N ALA B 233 12.27 7.04 -12.38
CA ALA B 233 11.70 8.32 -11.91
C ALA B 233 12.74 9.42 -11.85
N GLU B 234 13.92 9.15 -11.31
CA GLU B 234 14.94 10.19 -11.23
C GLU B 234 15.50 10.61 -12.60
N GLU B 235 15.32 9.76 -13.62
CA GLU B 235 15.70 10.14 -14.99
CA GLU B 235 15.69 10.11 -15.00
C GLU B 235 14.48 10.69 -15.72
N GLY B 236 13.40 10.93 -14.99
CA GLY B 236 12.16 11.46 -15.57
C GLY B 236 11.42 10.46 -16.43
N LYS B 237 11.58 9.16 -16.14
CA LYS B 237 10.94 8.10 -16.91
C LYS B 237 9.95 7.30 -16.06
N ALA B 238 8.82 6.94 -16.66
CA ALA B 238 7.86 6.08 -16.01
C ALA B 238 8.28 4.63 -16.27
N ALA B 239 8.07 3.78 -15.27
CA ALA B 239 8.30 2.34 -15.41
C ALA B 239 7.26 1.64 -14.55
N TYR B 240 6.94 0.41 -14.91
CA TYR B 240 5.89 -0.31 -14.23
C TYR B 240 6.43 -1.58 -13.59
N PHE B 241 6.28 -1.72 -12.27
CA PHE B 241 6.35 -3.03 -11.69
C PHE B 241 4.97 -3.44 -11.18
N ALA B 242 4.45 -2.68 -10.22
CA ALA B 242 3.06 -2.87 -9.69
C ALA B 242 2.55 -1.46 -9.38
N THR B 243 1.23 -1.26 -9.44
CA THR B 243 0.70 0.10 -9.31
C THR B 243 1.00 0.63 -7.90
N PRO B 244 1.68 1.78 -7.78
CA PRO B 244 1.92 2.32 -6.43
C PRO B 244 0.75 3.19 -5.94
N PRO B 245 0.74 3.62 -4.67
CA PRO B 245 -0.37 4.47 -4.20
C PRO B 245 -0.14 5.91 -4.73
N VAL B 246 -0.54 6.14 -5.96
CA VAL B 246 -0.22 7.34 -6.74
C VAL B 246 -0.49 8.64 -5.98
N HIS B 247 -1.70 8.78 -5.44
CA HIS B 247 -2.07 10.02 -4.78
C HIS B 247 -1.43 10.19 -3.41
N VAL B 248 -1.11 9.09 -2.76
CA VAL B 248 -0.39 9.13 -1.46
C VAL B 248 1.02 9.66 -1.72
N ILE B 249 1.58 9.30 -2.87
CA ILE B 249 2.92 9.79 -3.24
C ILE B 249 2.87 11.27 -3.65
N LEU B 250 1.77 11.72 -4.23
CA LEU B 250 1.61 13.16 -4.50
C LEU B 250 1.63 13.91 -3.19
N GLN B 251 0.90 13.38 -2.20
CA GLN B 251 0.83 13.96 -0.87
C GLN B 251 2.20 13.98 -0.19
N LEU B 252 2.94 12.87 -0.32
CA LEU B 252 4.31 12.78 0.22
C LEU B 252 5.23 13.85 -0.36
N ALA B 253 5.12 14.12 -1.66
CA ALA B 253 5.97 15.12 -2.31
C ALA B 253 5.72 16.48 -1.68
N GLU B 254 4.45 16.76 -1.38
CA GLU B 254 4.07 18.01 -0.73
C GLU B 254 4.59 18.08 0.72
N ALA B 255 4.54 16.97 1.44
CA ALA B 255 5.15 16.91 2.78
C ALA B 255 6.64 17.21 2.69
N PHE B 256 7.34 16.62 1.73
CA PHE B 256 8.78 16.89 1.54
C PHE B 256 9.06 18.35 1.17
N ARG B 257 8.19 18.96 0.38
CA ARG B 257 8.30 20.39 0.07
C ARG B 257 8.26 21.21 1.37
N LEU B 258 7.27 20.94 2.22
CA LEU B 258 7.17 21.63 3.50
C LEU B 258 8.37 21.36 4.43
N ILE B 259 8.86 20.12 4.44
CA ILE B 259 10.03 19.74 5.23
C ILE B 259 11.28 20.50 4.75
N GLU B 260 11.46 20.57 3.44
CA GLU B 260 12.63 21.26 2.88
C GLU B 260 12.53 22.78 3.06
N LYS B 261 11.31 23.31 3.08
CA LYS B 261 11.12 24.73 3.29
C LYS B 261 11.47 25.12 4.74
N GLU B 262 11.01 24.33 5.71
CA GLU B 262 11.44 24.53 7.11
C GLU B 262 12.94 24.29 7.31
N GLY B 263 13.48 23.26 6.67
CA GLY B 263 14.86 22.85 6.87
C GLY B 263 14.93 21.80 7.95
N ILE B 264 15.67 20.71 7.68
CA ILE B 264 15.68 19.54 8.58
C ILE B 264 16.26 19.85 9.97
N GLU B 265 17.31 20.66 10.03
CA GLU B 265 17.92 21.08 11.30
C GLU B 265 16.92 21.85 12.16
N ASN B 266 16.19 22.76 11.54
CA ASN B 266 15.11 23.48 12.21
C ASN B 266 13.99 22.55 12.69
N ARG B 267 13.64 21.57 11.85
CA ARG B 267 12.63 20.57 12.19
CA ARG B 267 12.60 20.61 12.20
C ARG B 267 13.00 19.81 13.44
N ILE B 268 14.26 19.39 13.49
CA ILE B 268 14.79 18.64 14.64
C ILE B 268 14.74 19.50 15.91
N LYS B 269 15.15 20.77 15.79
CA LYS B 269 15.13 21.69 16.95
C LYS B 269 13.72 21.88 17.47
N ARG B 270 12.76 21.95 16.56
CA ARG B 270 11.36 22.12 16.95
C ARG B 270 10.89 20.91 17.76
N HIS B 271 11.25 19.70 17.31
CA HIS B 271 10.86 18.49 18.03
C HIS B 271 11.56 18.44 19.40
N THR B 272 12.80 18.85 19.45
CA THR B 272 13.51 18.88 20.75
C THR B 272 12.82 19.81 21.75
N MET B 273 12.50 21.02 21.29
CA MET B 273 11.84 22.03 22.13
CA MET B 273 11.86 22.05 22.11
C MET B 273 10.47 21.58 22.58
N VAL B 274 9.66 21.07 21.65
CA VAL B 274 8.31 20.65 22.01
C VAL B 274 8.38 19.49 22.99
N ALA B 275 9.24 18.51 22.72
CA ALA B 275 9.35 17.38 23.61
C ALA B 275 9.88 17.81 24.98
N SER B 276 10.90 18.67 25.01
CA SER B 276 11.49 19.13 26.29
CA SER B 276 11.46 19.04 26.31
C SER B 276 10.45 19.89 27.10
N ALA B 277 9.66 20.70 26.40
CA ALA B 277 8.61 21.46 27.06
C ALA B 277 7.58 20.52 27.63
N ILE B 278 7.14 19.53 26.83
CA ILE B 278 6.19 18.55 27.35
C ILE B 278 6.77 17.81 28.56
N ARG B 279 8.01 17.37 28.47
CA ARG B 279 8.60 16.62 29.59
C ARG B 279 8.68 17.51 30.86
N ALA B 280 9.04 18.78 30.69
CA ALA B 280 9.14 19.72 31.83
C ALA B 280 7.76 19.85 32.50
N GLY B 281 6.72 19.91 31.68
CA GLY B 281 5.34 19.92 32.19
C GLY B 281 5.04 18.69 33.01
N LEU B 282 5.41 17.51 32.48
CA LEU B 282 5.14 16.24 33.17
C LEU B 282 5.85 16.20 34.51
N GLU B 283 7.12 16.58 34.51
CA GLU B 283 7.91 16.57 35.73
CA GLU B 283 7.95 16.64 35.72
C GLU B 283 7.32 17.53 36.78
N ALA B 284 6.90 18.73 36.36
CA ALA B 284 6.36 19.70 37.32
C ALA B 284 5.03 19.20 37.94
N LEU B 285 4.34 18.30 37.25
CA LEU B 285 3.13 17.70 37.79
C LEU B 285 3.43 16.56 38.74
N GLY B 286 4.70 16.13 38.76
CA GLY B 286 5.14 14.99 39.55
C GLY B 286 4.87 13.67 38.84
N LEU B 287 4.70 13.73 37.52
CA LEU B 287 4.46 12.51 36.75
C LEU B 287 5.76 11.88 36.33
N GLU B 288 5.81 10.54 36.39
CA GLU B 288 7.00 9.80 36.05
C GLU B 288 7.00 9.39 34.57
N ILE B 289 8.15 9.53 33.91
CA ILE B 289 8.33 9.15 32.51
C ILE B 289 8.68 7.64 32.39
N VAL B 290 8.18 6.96 31.35
CA VAL B 290 8.44 5.52 31.20
C VAL B 290 9.91 5.22 30.87
N ALA B 291 10.50 5.94 29.92
CA ALA B 291 11.91 5.75 29.59
C ALA B 291 12.77 5.80 30.85
N ARG B 292 13.59 4.77 31.09
CA ARG B 292 14.35 4.67 32.33
C ARG B 292 15.50 5.66 32.38
N ARG B 293 16.11 5.89 31.23
CA ARG B 293 17.35 6.68 31.15
CA ARG B 293 17.34 6.69 31.18
C ARG B 293 17.13 7.97 30.38
N PRO B 294 17.35 9.14 31.04
CA PRO B 294 17.07 10.45 30.42
C PRO B 294 17.72 10.69 29.07
N GLU B 295 18.93 10.17 28.87
CA GLU B 295 19.62 10.38 27.60
C GLU B 295 18.85 9.69 26.45
N SER B 296 17.93 8.77 26.77
CA SER B 296 17.13 8.08 25.75
C SER B 296 15.69 8.64 25.57
N TYR B 297 15.35 9.76 26.21
CA TYR B 297 14.00 10.34 26.10
C TYR B 297 13.80 10.76 24.64
N SER B 298 13.01 9.99 23.88
CA SER B 298 12.80 10.34 22.46
C SER B 298 12.01 11.62 22.35
N ASN B 299 12.23 12.32 21.26
CA ASN B 299 11.54 13.57 21.00
C ASN B 299 10.27 13.43 20.14
N THR B 300 9.74 12.20 20.03
CA THR B 300 8.50 11.91 19.29
C THR B 300 7.44 11.23 20.15
N VAL B 301 7.89 10.49 21.17
CA VAL B 301 7.00 9.72 22.05
C VAL B 301 7.45 9.77 23.51
N THR B 302 6.49 10.00 24.42
CA THR B 302 6.77 10.02 25.84
C THR B 302 5.72 9.18 26.53
N GLY B 303 6.17 8.23 27.33
CA GLY B 303 5.29 7.41 28.12
C GLY B 303 5.11 8.05 29.50
N VAL B 304 3.86 8.03 29.98
CA VAL B 304 3.49 8.74 31.19
C VAL B 304 2.91 7.74 32.16
N ILE B 305 3.61 7.51 33.26
CA ILE B 305 3.16 6.57 34.30
C ILE B 305 2.07 7.18 35.18
N LEU B 306 0.99 6.42 35.38
CA LEU B 306 -0.07 6.81 36.29
C LEU B 306 -0.01 5.91 37.54
N LYS B 307 -0.13 6.53 38.71
CA LYS B 307 -0.07 5.80 39.98
CA LYS B 307 -0.07 5.83 39.99
C LYS B 307 -1.47 5.41 40.45
N VAL B 308 -2.48 6.19 40.06
CA VAL B 308 -3.85 5.99 40.56
C VAL B 308 -4.87 5.86 39.44
N ALA B 309 -4.94 6.86 38.57
CA ALA B 309 -5.91 6.86 37.46
C ALA B 309 -5.66 5.72 36.46
N ASP B 310 -6.75 5.26 35.84
CA ASP B 310 -6.71 4.23 34.81
C ASP B 310 -6.37 4.84 33.43
N PRO B 311 -5.20 4.48 32.85
CA PRO B 311 -4.76 4.98 31.55
C PRO B 311 -5.88 4.94 30.51
N GLN B 312 -6.69 3.88 30.52
CA GLN B 312 -7.78 3.71 29.57
C GLN B 312 -8.81 4.83 29.68
N LYS B 313 -9.05 5.31 30.91
CA LYS B 313 -9.97 6.42 31.11
C LYS B 313 -9.41 7.78 30.71
N VAL B 314 -8.10 7.94 30.88
CA VAL B 314 -7.41 9.13 30.36
C VAL B 314 -7.63 9.20 28.85
N LEU B 315 -7.44 8.07 28.16
CA LEU B 315 -7.60 8.01 26.69
C LEU B 315 -9.03 8.25 26.25
N ALA B 316 -9.98 7.67 26.97
CA ALA B 316 -11.41 7.77 26.64
C ALA B 316 -11.92 9.20 26.77
N GLY B 317 -11.40 9.94 27.76
CA GLY B 317 -11.85 11.30 28.01
C GLY B 317 -11.07 12.39 27.30
N THR B 318 -10.14 12.00 26.43
CA THR B 318 -9.31 12.99 25.71
C THR B 318 -9.37 12.80 24.18
N VAL B 319 -10.37 12.04 23.72
CA VAL B 319 -10.52 11.69 22.29
C VAL B 319 -10.77 12.90 21.35
N ASN B 320 -11.63 13.82 21.77
CA ASN B 320 -11.95 15.01 20.99
C ASN B 320 -11.14 16.25 21.39
N GLU B 321 -10.03 16.04 22.10
CA GLU B 321 -9.29 17.13 22.72
C GLU B 321 -8.10 17.69 21.90
N GLY B 322 -8.00 17.29 20.63
CA GLY B 322 -6.93 17.79 19.74
C GLY B 322 -5.52 17.37 20.13
N VAL B 323 -5.39 16.23 20.81
CA VAL B 323 -4.09 15.67 21.22
C VAL B 323 -3.79 14.34 20.49
N GLU B 324 -2.55 13.83 20.62
CA GLU B 324 -2.20 12.52 20.06
CA GLU B 324 -2.18 12.56 20.04
C GLU B 324 -1.76 11.58 21.17
N PHE B 325 -2.74 11.05 21.90
CA PHE B 325 -2.51 10.09 23.01
C PHE B 325 -2.83 8.66 22.58
N ALA B 326 -2.08 7.70 23.11
CA ALA B 326 -2.14 6.30 22.72
C ALA B 326 -1.90 5.41 23.93
N PRO B 327 -2.33 4.13 23.88
CA PRO B 327 -2.19 3.26 25.05
C PRO B 327 -0.76 2.87 25.33
N GLY B 328 -0.47 2.55 26.59
CA GLY B 328 0.81 1.95 26.98
C GLY B 328 0.60 0.45 27.09
N VAL B 329 1.31 -0.30 26.25
N VAL B 329 1.37 -0.33 26.34
CA VAL B 329 1.17 -1.75 26.19
CA VAL B 329 1.13 -1.78 26.28
C VAL B 329 2.54 -2.37 26.46
C VAL B 329 1.97 -2.61 27.24
N HIS B 330 2.98 -2.22 27.70
N HIS B 330 3.23 -2.22 27.41
CA HIS B 330 4.09 -2.97 28.24
CA HIS B 330 4.17 -2.98 28.23
C HIS B 330 3.67 -3.37 29.65
C HIS B 330 3.58 -3.37 29.59
N PRO B 331 3.63 -4.68 29.94
CA PRO B 331 3.16 -5.20 31.24
C PRO B 331 3.83 -4.57 32.46
N ALA B 332 5.10 -4.19 32.32
CA ALA B 332 5.88 -3.64 33.43
C ALA B 332 5.45 -2.25 33.91
N PHE B 333 4.64 -1.55 33.12
CA PHE B 333 4.23 -0.20 33.51
C PHE B 333 2.74 0.02 33.34
N LYS B 334 2.20 0.94 34.14
CA LYS B 334 0.84 1.42 33.95
C LYS B 334 0.97 2.84 33.39
N TYR B 335 0.59 3.01 32.13
CA TYR B 335 0.87 4.27 31.44
C TYR B 335 0.06 4.49 30.17
N PHE B 336 0.09 5.74 29.68
CA PHE B 336 -0.36 6.09 28.35
C PHE B 336 0.80 6.81 27.69
N ARG B 337 0.71 7.05 26.39
CA ARG B 337 1.79 7.70 25.67
C ARG B 337 1.32 8.99 25.01
N ILE B 338 2.22 9.95 24.88
CA ILE B 338 1.97 11.18 24.15
C ILE B 338 2.78 11.13 22.88
N GLY B 339 2.12 11.23 21.73
CA GLY B 339 2.80 11.41 20.47
C GLY B 339 2.99 12.89 20.24
N HIS B 340 4.22 13.28 19.86
CA HIS B 340 4.56 14.65 19.59
C HIS B 340 5.57 14.70 18.43
N MET B 341 5.05 14.55 17.22
CA MET B 341 5.89 14.42 16.05
C MET B 341 5.20 14.95 14.81
N GLY B 342 6.01 15.34 13.83
CA GLY B 342 5.49 15.79 12.56
C GLY B 342 5.45 17.29 12.45
N TRP B 343 4.24 17.84 12.45
CA TRP B 343 4.03 19.28 12.32
C TRP B 343 3.82 19.91 13.69
N VAL B 344 4.05 19.15 14.76
CA VAL B 344 3.82 19.60 16.15
C VAL B 344 4.49 20.96 16.46
N THR B 345 3.78 21.84 17.16
CA THR B 345 4.26 23.20 17.48
C THR B 345 4.33 23.43 19.00
N PRO B 346 4.93 24.55 19.42
CA PRO B 346 4.81 24.93 20.83
C PRO B 346 3.37 24.91 21.39
N ASN B 347 2.39 25.33 20.61
CA ASN B 347 1.00 25.29 21.06
C ASN B 347 0.53 23.88 21.37
N ASP B 348 1.03 22.91 20.62
CA ASP B 348 0.69 21.52 20.90
C ASP B 348 1.22 21.10 22.26
N ALA B 349 2.39 21.62 22.66
CA ALA B 349 2.93 21.30 23.98
C ALA B 349 2.02 21.81 25.10
N ILE B 350 1.64 23.09 25.00
CA ILE B 350 0.71 23.71 25.94
CA ILE B 350 0.69 23.74 25.90
C ILE B 350 -0.60 22.92 26.03
N ILE B 351 -1.18 22.61 24.87
CA ILE B 351 -2.44 21.86 24.84
C ILE B 351 -2.31 20.49 25.52
N ALA B 352 -1.28 19.73 25.15
CA ALA B 352 -1.11 18.38 25.70
C ALA B 352 -1.06 18.41 27.23
N ILE B 353 -0.24 19.29 27.78
CA ILE B 353 -0.12 19.36 29.23
C ILE B 353 -1.40 19.89 29.90
N SER B 354 -2.04 20.87 29.26
CA SER B 354 -3.33 21.37 29.77
C SER B 354 -4.39 20.27 29.80
N VAL B 355 -4.52 19.53 28.70
CA VAL B 355 -5.48 18.42 28.60
C VAL B 355 -5.14 17.39 29.67
N ILE B 356 -3.85 17.15 29.88
CA ILE B 356 -3.43 16.19 30.90
C ILE B 356 -3.82 16.66 32.29
N GLU B 357 -3.52 17.93 32.61
CA GLU B 357 -3.82 18.47 33.94
C GLU B 357 -5.31 18.35 34.27
N ARG B 358 -6.14 18.77 33.32
CA ARG B 358 -7.58 18.81 33.55
C ARG B 358 -8.21 17.43 33.64
N THR B 359 -7.70 16.48 32.85
CA THR B 359 -8.22 15.12 32.84
C THR B 359 -7.83 14.38 34.11
N LEU B 360 -6.55 14.47 34.47
CA LEU B 360 -6.05 13.82 35.68
C LEU B 360 -6.66 14.40 36.95
N ARG B 361 -6.88 15.71 37.01
CA ARG B 361 -7.55 16.31 38.17
CA ARG B 361 -7.52 16.28 38.19
C ARG B 361 -8.94 15.71 38.32
N LYS B 362 -9.65 15.58 37.19
CA LYS B 362 -10.99 15.00 37.20
CA LYS B 362 -10.99 15.00 37.20
C LYS B 362 -10.97 13.56 37.70
N LEU B 363 -9.91 12.83 37.37
CA LEU B 363 -9.82 11.41 37.72
C LEU B 363 -9.03 11.09 39.00
N GLY B 364 -8.58 12.12 39.69
CA GLY B 364 -7.96 11.95 41.00
C GLY B 364 -6.55 11.40 40.97
N GLU B 365 -5.84 11.57 39.88
CA GLU B 365 -4.42 11.26 39.85
C GLU B 365 -3.73 12.41 40.58
N PRO B 366 -2.95 12.08 41.63
CA PRO B 366 -2.26 13.15 42.36
C PRO B 366 -1.30 13.88 41.44
N ILE B 367 -1.57 15.17 41.23
CA ILE B 367 -0.72 16.06 40.43
C ILE B 367 -0.70 17.45 41.07
N ARG B 368 0.30 18.24 40.73
CA ARG B 368 0.36 19.63 41.18
C ARG B 368 -0.38 20.53 40.18
N PHE B 369 -1.70 20.61 40.31
CA PHE B 369 -2.52 21.34 39.35
C PHE B 369 -1.97 22.76 39.11
N GLY B 370 -1.96 23.20 37.86
CA GLY B 370 -1.43 24.51 37.48
C GLY B 370 0.05 24.55 37.13
N GLU B 371 0.84 23.73 37.82
CA GLU B 371 2.31 23.73 37.69
C GLU B 371 2.84 23.23 36.35
N GLY B 372 2.10 22.30 35.73
CA GLY B 372 2.49 21.75 34.44
C GLY B 372 2.52 22.81 33.37
N VAL B 373 1.39 23.51 33.18
CA VAL B 373 1.29 24.49 32.09
C VAL B 373 2.31 25.62 32.26
N LYS B 374 2.58 26.00 33.52
CA LYS B 374 3.57 27.04 33.83
CA LYS B 374 3.56 27.03 33.85
C LYS B 374 4.97 26.60 33.41
N ALA B 375 5.34 25.37 33.77
CA ALA B 375 6.65 24.83 33.40
C ALA B 375 6.81 24.76 31.87
N VAL B 376 5.75 24.38 31.16
CA VAL B 376 5.78 24.31 29.69
C VAL B 376 6.06 25.70 29.13
N GLU B 377 5.33 26.69 29.67
CA GLU B 377 5.44 28.09 29.25
C GLU B 377 6.87 28.59 29.43
N GLU B 378 7.45 28.24 30.57
CA GLU B 378 8.82 28.62 30.91
C GLU B 378 9.77 28.09 29.88
N VAL B 379 9.67 26.80 29.56
CA VAL B 379 10.56 26.20 28.54
C VAL B 379 10.43 26.89 27.18
N LEU B 380 9.18 27.07 26.74
CA LEU B 380 8.92 27.69 25.44
C LEU B 380 9.40 29.15 25.41
N PHE B 381 9.25 29.84 26.54
CA PHE B 381 9.72 31.21 26.64
C PHE B 381 11.24 31.30 26.54
N SER B 382 11.94 30.42 27.26
CA SER B 382 13.40 30.46 27.33
C SER B 382 14.15 30.02 26.07
N ALA B 383 13.42 29.65 25.02
CA ALA B 383 14.07 29.39 23.72
C ALA B 383 13.16 29.77 22.55
N1 PXG C . -4.15 -8.23 -12.81
C2 PXG C . -4.68 -7.49 -13.80
C2A PXG C . -5.72 -8.10 -14.73
C3 PXG C . -4.30 -6.15 -13.95
O3 PXG C . -4.87 -5.43 -14.94
C5 PXG C . -2.82 -6.37 -12.09
C6 PXG C . -3.23 -7.71 -11.95
C5A PXG C . -1.78 -5.79 -11.12
OP4 PXG C . -2.41 -4.78 -10.33
P PXG C . -1.54 -3.74 -9.51
OP1 PXG C . -2.60 -2.95 -8.78
OP2 PXG C . -0.73 -2.99 -10.55
OP3 PXG C . -0.68 -4.65 -8.66
C4 PXG C . -3.36 -5.58 -13.09
C4A PXG C . -2.93 -4.13 -13.20
C7 PXG C . -1.33 -1.30 -18.42
C8 PXG C . -1.43 -1.50 -16.93
O2 PXG C . -0.20 -1.37 -18.96
C9 PXG C . -2.34 -2.41 -16.38
C10 PXG C . -2.42 -2.59 -15.00
C11 PXG C . -1.57 -1.82 -14.18
C12 PXG C . -0.67 -0.91 -14.73
C13 PXG C . -0.60 -0.74 -16.10
O8 PXG C . -2.38 -1.05 -19.04
N9 PXG C . -3.29 -3.47 -14.45
CA CA D . -20.70 15.82 -5.53
CA CA E . -21.86 -20.07 -20.66
CA CA F . -5.00 -9.52 -38.46
N1 PXG G . 8.41 0.56 13.55
C2 PXG G . 8.06 1.57 14.40
C2A PXG G . 9.14 2.16 15.28
C3 PXG G . 6.73 2.06 14.41
O3 PXG G . 6.40 3.09 15.24
C5 PXG G . 6.18 0.46 12.72
C6 PXG G . 7.51 0.01 12.74
C5A PXG G . 5.21 -0.21 11.78
OP4 PXG G . 4.75 0.72 10.77
P PXG G . 3.39 0.45 9.94
OP1 PXG G . 3.54 -0.89 9.26
OP2 PXG G . 3.46 1.64 9.02
OP3 PXG G . 2.26 0.36 10.92
C4 PXG G . 5.78 1.49 13.57
C4A PXG G . 4.33 1.98 13.52
C7 PXG G . 0.88 3.26 18.51
C8 PXG G . 1.06 2.78 17.08
O2 PXG G . 0.17 2.56 19.27
C9 PXG G . 2.33 2.83 16.52
C10 PXG G . 2.57 2.42 15.22
C11 PXG G . 1.49 1.93 14.46
C12 PXG G . 0.21 1.86 15.01
C13 PXG G . -0.01 2.29 16.33
O8 PXG G . 1.43 4.34 18.88
N9 PXG G . 3.84 2.53 14.76
CA CA H . -1.70 26.51 2.34
#